data_2C8C
#
_entry.id   2C8C
#
_cell.length_a   106.048
_cell.length_b   76.135
_cell.length_c   120.432
_cell.angle_alpha   90.00
_cell.angle_beta   102.74
_cell.angle_gamma   90.00
#
_symmetry.space_group_name_H-M   'C 1 2 1'
#
loop_
_entity.id
_entity.type
_entity.pdbx_description
1 polymer 'MONO-ADP-RIBOSYLTRANSFERASE C3'
2 non-polymer NICOTINAMIDE-ADENINE-DINUCLEOTIDE
3 non-polymer "ADENOSINE-5'-DIPHOSPHATE"
#
_entity_poly.entity_id   1
_entity_poly.type   'polypeptide(L)'
_entity_poly.pdbx_seq_one_letter_code
;AYSNTYQEFTNIDQAKAWGNAQYKKYGLSKSEKEAIVSYTKSASEINGKLRQNKGVINGFPSNLIKQVELLDKSFNKMKT
PENIMLFRGDDPAYLGTEFQNTLLNSNGTINKTAFEKAKAKFLNKDRLEYGYISTSLMNVSQFAGRPIITKFKVAKGSKA
GYIDPISAFAGALEMLLPRHSTYHIDDMRLSSDGKQIIITATMMGTAINPK
;
_entity_poly.pdbx_strand_id   A,B,C,D
#
loop_
_chem_comp.id
_chem_comp.type
_chem_comp.name
_chem_comp.formula
ADP non-polymer ADENOSINE-5'-DIPHOSPHATE 'C10 H15 N5 O10 P2'
NAD non-polymer NICOTINAMIDE-ADENINE-DINUCLEOTIDE 'C21 H27 N7 O14 P2'
#
# COMPACT_ATOMS: atom_id res chain seq x y z
N ASN A 4 0.88 -3.26 34.58
CA ASN A 4 0.95 -1.80 34.96
C ASN A 4 0.95 -0.93 33.64
N THR A 5 2.12 -0.49 33.20
CA THR A 5 2.27 0.34 31.99
C THR A 5 3.46 -0.14 31.17
N TYR A 6 3.20 -0.54 29.95
CA TYR A 6 4.29 -0.94 29.07
C TYR A 6 4.71 0.24 28.16
N GLN A 7 5.98 0.58 28.18
CA GLN A 7 6.54 1.55 27.23
C GLN A 7 6.38 1.08 25.76
N GLU A 8 5.65 1.90 24.99
CA GLU A 8 5.46 1.71 23.56
C GLU A 8 6.20 2.84 22.82
N PHE A 9 7.30 2.52 22.13
CA PHE A 9 8.00 3.50 21.32
C PHE A 9 7.17 3.98 20.13
N THR A 10 7.15 5.31 19.93
CA THR A 10 6.37 5.95 18.87
C THR A 10 7.21 6.57 17.75
N ASN A 11 8.50 6.73 17.98
CA ASN A 11 9.37 7.49 17.11
C ASN A 11 10.61 6.66 16.82
N ILE A 12 11.01 6.60 15.55
CA ILE A 12 12.01 5.63 15.15
C ILE A 12 13.33 5.97 15.74
N ASP A 13 13.68 7.26 15.69
CA ASP A 13 14.99 7.74 16.16
C ASP A 13 15.16 7.63 17.66
N GLN A 14 14.07 7.57 18.42
CA GLN A 14 14.14 7.34 19.88
C GLN A 14 14.35 5.87 20.24
N ALA A 15 13.52 5.01 19.65
CA ALA A 15 13.66 3.59 19.83
C ALA A 15 15.07 3.25 19.53
N LYS A 16 15.52 3.75 18.37
CA LYS A 16 16.86 3.51 17.89
C LYS A 16 17.88 3.80 18.97
N ALA A 17 17.80 5.00 19.55
CA ALA A 17 18.76 5.47 20.53
C ALA A 17 18.69 4.64 21.81
N TRP A 18 17.49 4.34 22.27
CA TRP A 18 17.32 3.57 23.49
C TRP A 18 17.94 2.20 23.35
N GLY A 19 17.62 1.56 22.23
CA GLY A 19 18.15 0.25 21.90
C GLY A 19 19.65 0.21 21.81
N ASN A 20 20.23 1.22 21.17
CA ASN A 20 21.67 1.34 21.02
C ASN A 20 22.25 1.56 22.38
N ALA A 21 21.54 2.29 23.23
CA ALA A 21 21.97 2.52 24.63
C ALA A 21 22.06 1.22 25.42
N GLN A 22 21.15 0.27 25.16
CA GLN A 22 21.21 -1.07 25.76
C GLN A 22 22.37 -1.91 25.22
N TYR A 23 22.67 -1.79 23.93
CA TYR A 23 23.62 -2.69 23.33
C TYR A 23 25.03 -2.42 23.86
N LYS A 24 25.39 -1.15 24.00
CA LYS A 24 26.68 -0.78 24.63
C LYS A 24 26.93 -1.52 25.97
N LYS A 25 25.92 -1.59 26.83
CA LYS A 25 26.05 -2.24 28.14
C LYS A 25 26.28 -3.76 28.09
N TYR A 26 25.70 -4.48 27.14
CA TYR A 26 25.71 -5.95 27.17
C TYR A 26 27.09 -6.64 27.27
N GLY A 27 28.12 -6.04 26.68
CA GLY A 27 29.45 -6.66 26.62
C GLY A 27 29.41 -8.13 26.21
N LEU A 28 28.87 -8.38 25.02
CA LEU A 28 28.77 -9.75 24.53
C LEU A 28 30.17 -10.22 24.16
N SER A 29 30.47 -11.48 24.50
CA SER A 29 31.74 -12.10 24.14
C SER A 29 31.83 -12.12 22.61
N LYS A 30 33.04 -12.01 22.09
CA LYS A 30 33.25 -12.03 20.64
C LYS A 30 32.53 -13.25 20.04
N SER A 31 32.41 -14.30 20.86
CA SER A 31 31.87 -15.61 20.47
C SER A 31 30.34 -15.58 20.41
N GLU A 32 29.78 -14.86 21.37
CA GLU A 32 28.35 -14.61 21.44
C GLU A 32 27.94 -13.74 20.25
N LYS A 33 28.75 -12.74 19.90
CA LYS A 33 28.47 -11.87 18.75
C LYS A 33 28.42 -12.63 17.41
N GLU A 34 29.34 -13.57 17.21
CA GLU A 34 29.39 -14.38 16.00
C GLU A 34 28.22 -15.33 15.92
N ALA A 35 27.68 -15.65 17.07
CA ALA A 35 26.53 -16.55 17.14
C ALA A 35 25.21 -15.85 16.81
N ILE A 36 25.09 -14.58 17.19
CA ILE A 36 23.92 -13.78 16.88
C ILE A 36 23.93 -13.33 15.43
N VAL A 37 25.07 -12.85 14.95
CA VAL A 37 25.19 -12.42 13.54
C VAL A 37 24.65 -13.51 12.64
N SER A 38 25.09 -14.72 12.94
CA SER A 38 24.79 -15.93 12.19
C SER A 38 23.30 -16.32 12.30
N TYR A 39 22.70 -15.98 13.45
CA TYR A 39 21.28 -16.25 13.70
C TYR A 39 20.42 -15.39 12.80
N THR A 40 20.83 -14.16 12.58
CA THR A 40 20.01 -13.29 11.78
C THR A 40 20.05 -13.72 10.31
N LYS A 41 21.16 -14.33 9.89
CA LYS A 41 21.32 -14.87 8.56
C LYS A 41 20.61 -16.21 8.43
N SER A 42 20.23 -16.84 9.53
CA SER A 42 19.67 -18.18 9.39
C SER A 42 18.62 -18.56 10.39
N ALA A 43 17.81 -17.58 10.77
CA ALA A 43 16.85 -17.76 11.83
C ALA A 43 15.85 -18.84 11.53
N SER A 44 15.37 -18.92 10.32
CA SER A 44 14.20 -19.76 10.05
C SER A 44 14.64 -21.22 9.99
N GLU A 45 15.87 -21.45 9.55
CA GLU A 45 16.47 -22.77 9.60
C GLU A 45 16.62 -23.30 11.07
N ILE A 46 17.07 -22.42 11.96
CA ILE A 46 17.40 -22.76 13.34
C ILE A 46 16.12 -22.87 14.11
N ASN A 47 15.30 -21.84 14.04
CA ASN A 47 14.05 -21.90 14.74
C ASN A 47 13.22 -23.09 14.28
N GLY A 48 13.40 -23.53 13.04
CA GLY A 48 12.58 -24.58 12.47
C GLY A 48 13.01 -25.95 12.90
N LYS A 49 14.32 -26.24 12.89
CA LYS A 49 14.84 -27.43 13.58
C LYS A 49 14.40 -27.50 15.08
N LEU A 50 14.43 -26.37 15.78
CA LEU A 50 14.02 -26.34 17.20
C LEU A 50 12.60 -26.77 17.33
N ARG A 51 11.73 -26.27 16.45
CA ARG A 51 10.32 -26.65 16.46
C ARG A 51 10.10 -28.11 16.18
N GLN A 52 10.85 -28.62 15.22
CA GLN A 52 10.60 -29.97 14.71
C GLN A 52 11.05 -31.09 15.68
N ASN A 53 12.16 -30.86 16.39
CA ASN A 53 12.62 -31.71 17.50
C ASN A 53 12.22 -31.20 18.92
N LYS A 54 11.11 -30.48 18.98
CA LYS A 54 10.53 -29.96 20.23
C LYS A 54 11.51 -29.59 21.35
N GLY A 55 12.62 -28.96 20.98
CA GLY A 55 13.57 -28.43 21.93
C GLY A 55 14.89 -29.16 21.99
N VAL A 56 14.88 -30.45 21.75
CA VAL A 56 16.09 -31.29 21.87
C VAL A 56 17.16 -31.05 20.78
N ILE A 57 18.41 -30.86 21.21
CA ILE A 57 19.46 -30.46 20.29
C ILE A 57 20.61 -31.46 20.13
N ASN A 58 20.37 -32.71 20.47
CA ASN A 58 21.40 -33.75 20.43
C ASN A 58 21.62 -34.23 19.03
N GLY A 59 20.57 -34.33 18.25
CA GLY A 59 20.69 -34.69 16.84
C GLY A 59 21.47 -33.68 16.04
N PHE A 60 21.45 -32.41 16.45
CA PHE A 60 21.98 -31.33 15.62
C PHE A 60 23.47 -31.55 15.40
N PRO A 61 24.00 -31.10 14.27
CA PRO A 61 25.46 -30.99 14.08
C PRO A 61 26.19 -30.24 15.22
N SER A 62 27.51 -30.40 15.31
CA SER A 62 28.31 -29.86 16.42
C SER A 62 28.43 -28.34 16.40
N ASN A 63 28.26 -27.74 15.20
CA ASN A 63 28.18 -26.28 15.04
C ASN A 63 26.89 -25.71 15.58
N LEU A 64 25.79 -26.37 15.23
CA LEU A 64 24.50 -25.86 15.63
C LEU A 64 24.34 -25.89 17.15
N ILE A 65 24.98 -26.86 17.79
CA ILE A 65 24.90 -26.99 19.22
C ILE A 65 25.75 -25.90 19.86
N LYS A 66 26.88 -25.59 19.24
CA LYS A 66 27.72 -24.51 19.72
C LYS A 66 26.97 -23.18 19.60
N GLN A 67 26.13 -23.04 18.58
CA GLN A 67 25.47 -21.76 18.33
C GLN A 67 24.26 -21.55 19.23
N VAL A 68 23.47 -22.59 19.46
CA VAL A 68 22.34 -22.50 20.38
C VAL A 68 22.80 -22.24 21.85
N GLU A 69 23.79 -22.99 22.32
CA GLU A 69 24.29 -22.77 23.68
C GLU A 69 24.77 -21.34 23.87
N LEU A 70 25.48 -20.82 22.89
CA LEU A 70 25.91 -19.41 22.91
C LEU A 70 24.75 -18.37 22.87
N LEU A 71 23.66 -18.71 22.19
CA LEU A 71 22.51 -17.84 22.13
C LEU A 71 21.81 -17.79 23.45
N ASP A 72 21.65 -18.96 24.05
CA ASP A 72 21.01 -19.11 25.35
C ASP A 72 21.82 -18.36 26.38
N LYS A 73 23.12 -18.57 26.35
CA LYS A 73 23.98 -17.90 27.30
C LYS A 73 23.83 -16.38 27.19
N SER A 74 23.89 -15.88 25.97
CA SER A 74 23.79 -14.46 25.72
C SER A 74 22.80 -13.79 26.62
N PHE A 75 21.65 -14.41 26.85
CA PHE A 75 20.56 -13.77 27.56
C PHE A 75 20.84 -13.59 29.04
N ASN A 76 21.93 -14.14 29.53
CA ASN A 76 22.35 -13.87 30.88
C ASN A 76 22.83 -12.44 30.99
N LYS A 77 23.42 -11.94 29.91
CA LYS A 77 23.79 -10.51 29.81
C LYS A 77 22.70 -9.57 29.30
N MET A 78 21.68 -10.10 28.62
CA MET A 78 20.68 -9.27 27.92
C MET A 78 19.32 -9.36 28.55
N LYS A 79 18.96 -8.35 29.31
CA LYS A 79 17.63 -8.24 29.91
C LYS A 79 17.16 -6.82 29.69
N THR A 80 15.86 -6.59 29.73
CA THR A 80 15.30 -5.26 29.55
C THR A 80 15.14 -4.52 30.91
N PRO A 81 15.42 -3.22 30.95
CA PRO A 81 15.41 -2.44 32.19
C PRO A 81 14.05 -1.89 32.61
N GLU A 82 13.04 -2.10 31.76
CA GLU A 82 11.71 -1.55 31.98
C GLU A 82 10.67 -2.39 31.24
N ASN A 83 9.42 -2.27 31.64
CA ASN A 83 8.32 -2.91 30.92
C ASN A 83 8.27 -2.33 29.50
N ILE A 84 8.17 -3.20 28.51
CA ILE A 84 8.22 -2.75 27.13
C ILE A 84 7.31 -3.54 26.18
N MET A 85 6.88 -2.90 25.10
CA MET A 85 6.09 -3.55 24.07
C MET A 85 6.94 -3.87 22.86
N LEU A 86 7.01 -5.14 22.50
CA LEU A 86 7.65 -5.59 21.28
C LEU A 86 6.60 -5.97 20.27
N PHE A 87 6.95 -5.91 18.99
CA PHE A 87 6.04 -6.16 17.89
C PHE A 87 6.61 -7.18 16.94
N ARG A 88 5.72 -7.88 16.25
CA ARG A 88 6.11 -9.03 15.45
C ARG A 88 5.07 -9.30 14.37
N GLY A 89 5.52 -9.70 13.19
CA GLY A 89 4.61 -10.09 12.13
C GLY A 89 4.77 -11.56 11.75
N ASP A 90 3.66 -12.21 11.38
CA ASP A 90 3.66 -13.62 11.04
C ASP A 90 2.80 -13.90 9.83
N ASP A 91 3.05 -15.06 9.26
CA ASP A 91 2.26 -15.51 8.15
C ASP A 91 1.23 -16.53 8.63
N PRO A 92 0.30 -16.92 7.76
CA PRO A 92 -0.81 -17.83 8.12
C PRO A 92 -0.39 -19.11 8.88
N ALA A 93 0.70 -19.76 8.50
CA ALA A 93 1.14 -21.01 9.14
C ALA A 93 1.40 -20.87 10.67
N TYR A 94 1.49 -19.62 11.12
CA TYR A 94 1.73 -19.30 12.53
C TYR A 94 0.63 -19.85 13.36
N LEU A 95 -0.58 -19.84 12.82
CA LEU A 95 -1.77 -20.33 13.52
C LEU A 95 -2.01 -21.86 13.49
N GLY A 96 -1.25 -22.59 12.67
CA GLY A 96 -1.50 -23.99 12.39
C GLY A 96 -1.58 -24.24 10.86
N THR A 97 -1.25 -25.47 10.42
CA THR A 97 -1.37 -25.87 9.02
C THR A 97 -2.78 -25.60 8.50
N GLU A 98 -3.77 -25.83 9.33
CA GLU A 98 -5.12 -25.60 8.89
C GLU A 98 -5.34 -24.21 8.27
N PHE A 99 -4.73 -23.16 8.83
CA PHE A 99 -4.89 -21.79 8.31
C PHE A 99 -3.92 -21.39 7.17
N GLN A 100 -2.96 -22.24 6.85
CA GLN A 100 -2.01 -21.98 5.74
C GLN A 100 -2.69 -21.40 4.49
N ASN A 101 -3.71 -22.07 3.96
CA ASN A 101 -4.38 -21.61 2.75
C ASN A 101 -5.84 -21.15 2.99
N THR A 102 -6.20 -20.66 4.16
CA THR A 102 -7.59 -20.27 4.43
C THR A 102 -7.79 -18.98 5.20
N LEU A 103 -6.74 -18.43 5.78
CA LEU A 103 -6.92 -17.28 6.65
C LEU A 103 -7.22 -16.05 5.80
N LEU A 104 -6.68 -16.03 4.58
CA LEU A 104 -6.79 -14.87 3.70
C LEU A 104 -7.77 -15.08 2.54
N ASN A 105 -8.67 -14.11 2.40
CA ASN A 105 -9.54 -14.02 1.23
C ASN A 105 -8.79 -13.57 -0.06
N SER A 106 -9.51 -13.64 -1.19
CA SER A 106 -8.97 -13.30 -2.52
C SER A 106 -8.69 -11.81 -2.67
N ASN A 107 -9.38 -10.97 -1.90
CA ASN A 107 -9.12 -9.53 -1.95
C ASN A 107 -8.03 -9.04 -1.00
N GLY A 108 -7.71 -9.82 0.04
CA GLY A 108 -6.66 -9.47 0.98
C GLY A 108 -7.15 -9.27 2.41
N THR A 109 -8.43 -9.55 2.63
CA THR A 109 -9.06 -9.42 3.94
C THR A 109 -8.89 -10.72 4.75
N ILE A 110 -9.10 -10.59 6.06
CA ILE A 110 -9.00 -11.74 6.94
C ILE A 110 -10.37 -12.37 6.85
N ASN A 111 -10.41 -13.61 6.39
CA ASN A 111 -11.63 -14.43 6.44
C ASN A 111 -12.21 -14.47 7.85
N LYS A 112 -13.34 -13.81 8.09
CA LYS A 112 -13.88 -13.67 9.45
C LYS A 112 -14.12 -15.02 10.15
N THR A 113 -14.35 -16.07 9.37
CA THR A 113 -14.58 -17.41 9.91
C THR A 113 -13.31 -18.05 10.49
N ALA A 114 -12.26 -18.11 9.69
CA ALA A 114 -10.95 -18.52 10.18
C ALA A 114 -10.53 -17.71 11.40
N PHE A 115 -10.86 -16.42 11.40
CA PHE A 115 -10.54 -15.55 12.51
C PHE A 115 -11.26 -16.05 13.78
N GLU A 116 -12.49 -16.49 13.61
CA GLU A 116 -13.29 -16.96 14.75
C GLU A 116 -12.75 -18.30 15.26
N LYS A 117 -12.24 -19.11 14.34
CA LYS A 117 -11.68 -20.41 14.68
C LYS A 117 -10.36 -20.23 15.41
N ALA A 118 -9.52 -19.33 14.90
CA ALA A 118 -8.23 -19.03 15.48
C ALA A 118 -8.36 -18.38 16.86
N LYS A 119 -9.38 -17.55 17.00
CA LYS A 119 -9.67 -16.87 18.23
C LYS A 119 -10.06 -17.89 19.27
N ALA A 120 -10.79 -18.91 18.82
CA ALA A 120 -11.26 -19.96 19.70
C ALA A 120 -10.07 -20.79 20.13
N LYS A 121 -9.22 -21.14 19.16
CA LYS A 121 -8.07 -22.00 19.36
C LYS A 121 -6.97 -21.37 20.18
N PHE A 122 -6.86 -20.04 20.19
CA PHE A 122 -5.74 -19.39 20.89
C PHE A 122 -6.14 -18.43 22.00
N LEU A 123 -7.36 -17.90 22.01
CA LEU A 123 -7.65 -16.80 22.92
C LEU A 123 -7.72 -17.25 24.35
N ASN A 124 -7.13 -16.46 25.22
CA ASN A 124 -6.95 -16.80 26.62
C ASN A 124 -6.23 -18.16 26.86
N LYS A 125 -5.24 -18.49 26.04
CA LYS A 125 -4.43 -19.68 26.24
C LYS A 125 -2.94 -19.40 26.05
N ASP A 126 -2.14 -20.23 26.70
CA ASP A 126 -0.71 -20.17 26.58
C ASP A 126 -0.20 -20.88 25.34
N ARG A 127 0.90 -20.37 24.83
CA ARG A 127 1.55 -20.91 23.69
C ARG A 127 3.02 -21.08 24.03
N LEU A 128 3.55 -22.23 23.67
CA LEU A 128 4.96 -22.51 23.91
C LEU A 128 5.65 -22.43 22.55
N GLU A 129 6.69 -21.60 22.47
CA GLU A 129 7.47 -21.50 21.26
C GLU A 129 8.85 -22.13 21.48
N TYR A 130 9.13 -23.16 20.68
CA TYR A 130 10.39 -23.86 20.75
C TYR A 130 11.56 -23.09 20.21
N GLY A 131 11.31 -22.20 19.24
CA GLY A 131 12.37 -21.39 18.67
C GLY A 131 12.58 -20.06 19.36
N TYR A 132 13.64 -19.36 18.98
CA TYR A 132 13.80 -17.97 19.39
C TYR A 132 12.67 -17.10 18.86
N ILE A 133 12.43 -15.96 19.51
CA ILE A 133 11.44 -15.02 18.99
C ILE A 133 12.07 -13.68 18.64
N SER A 134 12.05 -13.35 17.34
CA SER A 134 12.55 -12.08 16.83
C SER A 134 11.41 -11.09 16.87
N THR A 135 11.67 -9.87 17.30
CA THR A 135 10.62 -8.83 17.41
C THR A 135 11.20 -7.47 17.05
N SER A 136 10.38 -6.44 17.10
CA SER A 136 10.84 -5.08 16.82
C SER A 136 10.35 -4.11 17.89
N LEU A 137 11.02 -2.97 17.99
CA LEU A 137 10.61 -1.97 18.96
C LEU A 137 9.38 -1.25 18.53
N MET A 138 9.07 -1.29 17.24
CA MET A 138 7.81 -0.77 16.70
C MET A 138 7.34 -1.61 15.55
N ASN A 139 6.13 -1.34 15.11
CA ASN A 139 5.59 -1.99 13.94
C ASN A 139 6.28 -1.42 12.69
N VAL A 140 7.42 -1.94 12.32
CA VAL A 140 8.16 -1.42 11.18
C VAL A 140 7.61 -1.87 9.86
N SER A 141 7.61 -0.93 8.93
CA SER A 141 7.27 -1.07 7.51
C SER A 141 7.37 -2.48 6.89
N GLN A 142 8.43 -3.21 7.18
CA GLN A 142 8.67 -4.43 6.44
C GLN A 142 7.84 -5.63 6.87
N PHE A 143 7.79 -5.83 8.19
CA PHE A 143 7.04 -6.92 8.79
C PHE A 143 5.58 -6.53 9.11
N ALA A 144 5.21 -5.29 8.85
CA ALA A 144 3.83 -4.84 9.07
C ALA A 144 2.95 -5.14 7.87
N GLY A 145 3.56 -5.56 6.76
CA GLY A 145 2.82 -5.97 5.58
C GLY A 145 2.18 -7.34 5.77
N ARG A 146 2.71 -8.12 6.73
CA ARG A 146 2.22 -9.47 7.07
C ARG A 146 0.82 -9.53 7.70
N PRO A 147 0.07 -10.60 7.42
CA PRO A 147 -1.32 -10.72 7.93
C PRO A 147 -1.54 -10.74 9.45
N ILE A 148 -0.57 -11.13 10.26
CA ILE A 148 -0.76 -11.22 11.70
C ILE A 148 0.33 -10.46 12.41
N ILE A 149 -0.11 -9.56 13.25
CA ILE A 149 0.76 -8.69 14.03
C ILE A 149 0.55 -9.05 15.47
N THR A 150 1.62 -9.32 16.19
CA THR A 150 1.52 -9.64 17.60
C THR A 150 2.25 -8.59 18.40
N LYS A 151 1.58 -7.99 19.36
CA LYS A 151 2.24 -7.07 20.29
C LYS A 151 2.45 -7.84 21.59
N PHE A 152 3.71 -7.99 22.00
CA PHE A 152 4.08 -8.71 23.21
C PHE A 152 4.33 -7.77 24.37
N LYS A 153 3.70 -7.98 25.53
CA LYS A 153 4.04 -7.21 26.72
C LYS A 153 5.24 -7.89 27.37
N VAL A 154 6.39 -7.25 27.43
CA VAL A 154 7.52 -7.90 28.10
C VAL A 154 7.84 -7.23 29.41
N ALA A 155 7.94 -8.01 30.48
CA ALA A 155 8.10 -7.39 31.80
C ALA A 155 9.51 -6.92 31.99
N LYS A 156 9.73 -6.08 32.99
CA LYS A 156 11.08 -5.64 33.39
C LYS A 156 11.91 -6.82 33.92
N GLY A 157 13.21 -6.78 33.71
CA GLY A 157 14.09 -7.89 34.08
C GLY A 157 13.95 -9.17 33.26
N SER A 158 13.04 -9.21 32.29
CA SER A 158 12.85 -10.38 31.46
C SER A 158 13.96 -10.48 30.46
N LYS A 159 14.24 -11.71 30.02
CA LYS A 159 15.26 -11.96 29.00
C LYS A 159 14.74 -11.42 27.68
N ALA A 160 15.52 -10.51 27.11
CA ALA A 160 15.20 -9.76 25.88
C ALA A 160 16.43 -8.97 25.42
N GLY A 161 16.80 -9.01 24.16
CA GLY A 161 17.97 -8.27 23.73
C GLY A 161 17.86 -7.58 22.39
N TYR A 162 18.39 -6.36 22.34
CA TYR A 162 18.42 -5.55 21.14
C TYR A 162 19.64 -5.91 20.35
N ILE A 163 19.51 -6.87 19.45
CA ILE A 163 20.64 -7.31 18.63
C ILE A 163 20.81 -6.53 17.32
N ASP A 164 19.92 -5.59 17.05
CA ASP A 164 19.93 -4.86 15.78
C ASP A 164 21.30 -4.39 15.33
N PRO A 165 22.08 -3.75 16.19
CA PRO A 165 23.38 -3.22 15.77
C PRO A 165 24.29 -4.20 15.08
N ILE A 166 24.21 -5.49 15.40
CA ILE A 166 25.07 -6.50 14.78
C ILE A 166 24.27 -7.46 13.90
N SER A 167 23.02 -7.11 13.58
CA SER A 167 22.25 -7.89 12.61
C SER A 167 22.83 -7.74 11.23
N ALA A 168 22.76 -8.81 10.46
CA ALA A 168 23.15 -8.76 9.03
C ALA A 168 22.16 -7.90 8.20
N PHE A 169 20.95 -7.69 8.70
CA PHE A 169 19.88 -6.95 8.01
C PHE A 169 19.45 -5.64 8.67
N ALA A 170 18.86 -4.76 7.89
CA ALA A 170 18.53 -3.44 8.39
C ALA A 170 17.03 -3.06 8.42
N GLY A 171 16.77 -2.01 9.19
CA GLY A 171 15.46 -1.43 9.34
C GLY A 171 14.55 -2.22 10.24
N ALA A 172 15.05 -3.16 11.04
CA ALA A 172 14.16 -4.01 11.87
C ALA A 172 13.97 -3.60 13.34
N LEU A 173 14.77 -2.65 13.84
CA LEU A 173 14.78 -2.34 15.28
C LEU A 173 14.72 -3.60 16.16
N GLU A 174 15.57 -4.59 15.86
CA GLU A 174 15.37 -5.96 16.33
C GLU A 174 15.70 -6.21 17.84
N MET A 175 14.69 -6.72 18.56
CA MET A 175 14.82 -7.29 19.89
C MET A 175 14.63 -8.80 19.81
N LEU A 176 15.57 -9.58 20.34
CA LEU A 176 15.42 -11.04 20.40
C LEU A 176 14.97 -11.50 21.77
N LEU A 177 14.08 -12.48 21.80
CA LEU A 177 13.71 -13.18 23.02
C LEU A 177 14.17 -14.63 22.96
N PRO A 178 14.39 -15.25 24.12
CA PRO A 178 14.93 -16.62 24.17
C PRO A 178 13.93 -17.66 23.75
N ARG A 179 14.45 -18.76 23.23
CA ARG A 179 13.70 -19.97 22.94
C ARG A 179 13.06 -20.61 24.18
N HIS A 180 12.18 -21.56 23.92
CA HIS A 180 11.38 -22.19 24.95
C HIS A 180 10.61 -21.19 25.83
N SER A 181 10.43 -19.98 25.33
CA SER A 181 9.61 -18.97 25.99
C SER A 181 8.15 -19.31 25.81
N THR A 182 7.35 -18.88 26.78
CA THR A 182 5.92 -19.14 26.79
C THR A 182 5.22 -17.84 26.97
N TYR A 183 4.10 -17.63 26.29
CA TYR A 183 3.37 -16.37 26.43
C TYR A 183 1.89 -16.59 26.48
N HIS A 184 1.18 -15.73 27.20
CA HIS A 184 -0.28 -15.83 27.27
C HIS A 184 -0.95 -14.83 26.35
N ILE A 185 -1.83 -15.31 25.46
CA ILE A 185 -2.59 -14.44 24.57
C ILE A 185 -3.81 -13.81 25.25
N ASP A 186 -3.79 -12.50 25.51
CA ASP A 186 -4.92 -11.77 26.16
C ASP A 186 -6.05 -11.29 25.23
N ASP A 187 -5.73 -10.80 24.03
CA ASP A 187 -6.71 -10.31 23.05
C ASP A 187 -6.41 -10.77 21.64
N MET A 188 -7.45 -10.75 20.81
CA MET A 188 -7.33 -11.04 19.39
C MET A 188 -8.51 -10.35 18.68
N ARG A 189 -8.23 -9.31 17.91
CA ARG A 189 -9.24 -8.64 17.12
C ARG A 189 -8.72 -8.38 15.72
N LEU A 190 -9.59 -7.85 14.87
CA LEU A 190 -9.20 -7.35 13.55
C LEU A 190 -8.82 -5.85 13.63
N SER A 191 -8.01 -5.43 12.67
CA SER A 191 -7.62 -4.02 12.49
C SER A 191 -8.72 -3.28 11.76
N SER A 192 -8.73 -1.95 11.87
CA SER A 192 -9.71 -1.10 11.19
C SER A 192 -10.07 -1.57 9.77
N ASP A 193 -9.10 -1.89 8.93
CA ASP A 193 -9.42 -2.30 7.55
C ASP A 193 -9.66 -3.81 7.31
N GLY A 194 -9.56 -4.63 8.36
CA GLY A 194 -9.75 -6.08 8.26
C GLY A 194 -8.73 -6.84 7.41
N LYS A 195 -7.50 -6.33 7.34
CA LYS A 195 -6.45 -6.95 6.52
C LYS A 195 -5.46 -7.73 7.40
N GLN A 196 -5.60 -7.54 8.71
CA GLN A 196 -4.74 -8.15 9.71
C GLN A 196 -5.46 -8.48 11.03
N ILE A 197 -4.83 -9.38 11.80
CA ILE A 197 -5.26 -9.74 13.15
C ILE A 197 -4.27 -9.14 14.11
N ILE A 198 -4.74 -8.48 15.14
CA ILE A 198 -3.87 -7.94 16.15
C ILE A 198 -3.99 -8.82 17.41
N ILE A 199 -2.93 -9.57 17.70
CA ILE A 199 -2.83 -10.35 18.93
C ILE A 199 -2.09 -9.58 19.98
N THR A 200 -2.63 -9.52 21.18
CA THR A 200 -1.90 -9.00 22.33
C THR A 200 -1.63 -10.12 23.29
N ALA A 201 -0.40 -10.19 23.77
CA ALA A 201 0.08 -11.32 24.52
C ALA A 201 0.93 -10.88 25.68
N THR A 202 0.89 -11.63 26.78
CA THR A 202 1.78 -11.41 27.91
C THR A 202 2.91 -12.45 27.91
N MET A 203 4.14 -11.96 27.97
CA MET A 203 5.29 -12.81 27.91
C MET A 203 5.66 -13.25 29.30
N MET A 204 6.22 -14.45 29.38
CA MET A 204 6.65 -15.09 30.61
C MET A 204 8.05 -15.65 30.41
N GLY A 205 8.43 -16.69 31.15
CA GLY A 205 9.81 -17.14 31.14
C GLY A 205 10.10 -18.16 30.05
N THR A 206 11.14 -18.99 30.27
CA THR A 206 11.63 -20.00 29.32
C THR A 206 11.47 -21.41 29.91
N ALA A 207 12.60 -22.13 30.09
CA ALA A 207 12.68 -23.48 30.70
C ALA A 207 14.09 -24.05 30.54
N ILE A 208 15.04 -23.29 30.36
N SER B 3 -25.43 -10.36 -23.51
CA SER B 3 -24.13 -9.76 -23.07
C SER B 3 -23.38 -10.71 -22.12
N ASN B 4 -22.66 -11.68 -22.68
CA ASN B 4 -21.87 -12.68 -21.91
C ASN B 4 -22.78 -13.66 -21.08
N THR B 5 -23.97 -13.94 -21.63
CA THR B 5 -24.97 -14.80 -21.00
C THR B 5 -25.93 -13.98 -20.09
N TYR B 6 -25.63 -12.68 -19.92
CA TYR B 6 -26.44 -11.73 -19.15
C TYR B 6 -27.38 -10.91 -20.04
N GLN B 7 -28.67 -10.88 -19.70
CA GLN B 7 -29.71 -10.24 -20.51
C GLN B 7 -29.56 -8.75 -20.37
N GLU B 8 -29.57 -8.06 -21.51
CA GLU B 8 -29.54 -6.61 -21.57
C GLU B 8 -30.73 -6.12 -22.41
N PHE B 9 -31.72 -5.53 -21.76
CA PHE B 9 -32.90 -5.08 -22.46
C PHE B 9 -32.52 -3.87 -23.28
N THR B 10 -32.88 -3.89 -24.55
CA THR B 10 -32.46 -2.84 -25.45
C THR B 10 -33.64 -2.01 -25.85
N ASN B 11 -34.82 -2.44 -25.42
CA ASN B 11 -36.10 -1.90 -25.83
C ASN B 11 -37.01 -1.69 -24.60
N ILE B 12 -37.63 -0.50 -24.53
CA ILE B 12 -38.44 -0.08 -23.39
C ILE B 12 -39.61 -1.02 -23.10
N ASP B 13 -40.26 -1.50 -24.14
CA ASP B 13 -41.41 -2.38 -23.96
C ASP B 13 -41.06 -3.73 -23.42
N GLN B 14 -39.92 -4.25 -23.87
CA GLN B 14 -39.49 -5.58 -23.49
C GLN B 14 -39.21 -5.55 -22.02
N ALA B 15 -38.47 -4.54 -21.59
CA ALA B 15 -38.09 -4.41 -20.20
C ALA B 15 -39.33 -4.34 -19.35
N LYS B 16 -40.22 -3.42 -19.68
CA LYS B 16 -41.46 -3.22 -18.95
C LYS B 16 -42.34 -4.49 -18.85
N ALA B 17 -42.31 -5.34 -19.86
CA ALA B 17 -43.15 -6.54 -19.88
C ALA B 17 -42.52 -7.59 -18.97
N TRP B 18 -41.22 -7.76 -19.11
CA TRP B 18 -40.49 -8.68 -18.26
C TRP B 18 -40.59 -8.23 -16.80
N GLY B 19 -40.57 -6.92 -16.61
CA GLY B 19 -40.63 -6.34 -15.30
C GLY B 19 -41.95 -6.73 -14.70
N ASN B 20 -43.03 -6.31 -15.38
CA ASN B 20 -44.37 -6.59 -14.90
C ASN B 20 -44.54 -8.09 -14.65
N ALA B 21 -43.91 -8.90 -15.49
CA ALA B 21 -43.95 -10.35 -15.35
C ALA B 21 -43.43 -10.80 -13.99
N GLN B 22 -42.21 -10.40 -13.64
CA GLN B 22 -41.66 -10.83 -12.36
C GLN B 22 -42.51 -10.30 -11.23
N TYR B 23 -42.98 -9.06 -11.37
CA TYR B 23 -43.73 -8.45 -10.29
C TYR B 23 -44.91 -9.34 -9.87
N LYS B 24 -45.60 -9.92 -10.83
CA LYS B 24 -46.81 -10.70 -10.55
C LYS B 24 -46.56 -11.80 -9.51
N LYS B 25 -45.48 -12.58 -9.73
CA LYS B 25 -45.07 -13.63 -8.80
C LYS B 25 -44.71 -13.17 -7.38
N TYR B 26 -44.60 -11.87 -7.13
CA TYR B 26 -44.00 -11.42 -5.87
C TYR B 26 -44.90 -11.76 -4.69
N GLY B 27 -46.15 -11.30 -4.76
CA GLY B 27 -47.09 -11.52 -3.67
C GLY B 27 -46.69 -10.77 -2.42
N LEU B 28 -46.43 -9.48 -2.58
CA LEU B 28 -46.12 -8.59 -1.46
C LEU B 28 -47.31 -8.33 -0.54
N SER B 29 -47.06 -8.28 0.75
CA SER B 29 -48.10 -7.96 1.71
C SER B 29 -48.42 -6.46 1.61
N LYS B 30 -49.51 -6.04 2.22
CA LYS B 30 -49.97 -4.65 2.20
C LYS B 30 -48.96 -3.69 2.84
N SER B 31 -48.43 -4.06 4.00
CA SER B 31 -47.47 -3.20 4.72
C SER B 31 -46.05 -3.21 4.09
N GLU B 32 -45.70 -4.33 3.44
CA GLU B 32 -44.43 -4.47 2.68
C GLU B 32 -44.40 -3.48 1.54
N LYS B 33 -45.53 -3.30 0.89
CA LYS B 33 -45.63 -2.37 -0.21
C LYS B 33 -45.57 -0.94 0.34
N GLU B 34 -46.31 -0.66 1.41
CA GLU B 34 -46.30 0.68 2.00
C GLU B 34 -44.88 1.11 2.28
N ALA B 35 -44.08 0.19 2.81
CA ALA B 35 -42.68 0.47 3.12
C ALA B 35 -41.91 0.88 1.89
N ILE B 36 -42.06 0.12 0.81
CA ILE B 36 -41.43 0.44 -0.49
C ILE B 36 -41.80 1.82 -0.98
N VAL B 37 -43.04 2.23 -0.78
CA VAL B 37 -43.46 3.58 -1.16
C VAL B 37 -42.74 4.61 -0.30
N SER B 38 -42.67 4.30 1.00
CA SER B 38 -41.98 5.16 1.95
C SER B 38 -40.56 5.33 1.46
N TYR B 39 -39.85 4.21 1.27
CA TYR B 39 -38.51 4.28 0.68
C TYR B 39 -38.44 5.21 -0.55
N THR B 40 -39.26 4.97 -1.56
CA THR B 40 -39.10 5.68 -2.82
C THR B 40 -39.25 7.20 -2.68
N LYS B 41 -40.08 7.61 -1.70
CA LYS B 41 -40.29 9.03 -1.38
C LYS B 41 -39.02 9.65 -0.78
N SER B 42 -38.56 9.06 0.31
CA SER B 42 -37.34 9.46 0.99
C SER B 42 -36.14 8.52 0.70
N ALA B 43 -35.71 8.40 -0.55
CA ALA B 43 -34.70 7.38 -0.88
C ALA B 43 -33.31 7.79 -0.39
N SER B 44 -32.84 8.95 -0.85
CA SER B 44 -31.48 9.40 -0.54
C SER B 44 -31.32 9.72 0.95
N GLU B 45 -32.24 10.48 1.54
CA GLU B 45 -32.19 10.73 2.99
C GLU B 45 -32.07 9.42 3.78
N ILE B 46 -32.74 8.36 3.32
CA ILE B 46 -32.70 7.06 4.01
C ILE B 46 -31.41 6.31 3.78
N ASN B 47 -30.95 6.32 2.54
CA ASN B 47 -29.70 5.67 2.22
C ASN B 47 -28.53 6.32 2.99
N GLY B 48 -28.57 7.64 3.11
CA GLY B 48 -27.55 8.39 3.83
C GLY B 48 -27.45 8.06 5.31
N LYS B 49 -28.54 7.62 5.92
CA LYS B 49 -28.55 7.22 7.32
C LYS B 49 -27.90 5.88 7.50
N LEU B 50 -28.27 4.92 6.68
CA LEU B 50 -27.62 3.61 6.74
C LEU B 50 -26.10 3.67 6.55
N ARG B 51 -25.66 4.58 5.69
CA ARG B 51 -24.23 4.79 5.43
C ARG B 51 -23.57 5.49 6.61
N GLN B 52 -24.14 6.62 6.99
CA GLN B 52 -23.67 7.32 8.17
C GLN B 52 -23.59 6.36 9.39
N ASN B 53 -24.35 5.28 9.41
CA ASN B 53 -24.35 4.39 10.56
C ASN B 53 -23.85 2.97 10.29
N LYS B 54 -23.23 2.76 9.13
CA LYS B 54 -22.62 1.47 8.77
C LYS B 54 -23.49 0.23 9.02
N GLY B 55 -24.78 0.33 8.68
CA GLY B 55 -25.68 -0.83 8.71
C GLY B 55 -26.41 -1.04 10.02
N VAL B 56 -26.22 -0.09 10.94
CA VAL B 56 -26.77 -0.12 12.30
C VAL B 56 -28.09 0.69 12.34
N ILE B 57 -29.19 0.00 12.64
CA ILE B 57 -30.55 0.56 12.59
C ILE B 57 -31.13 0.85 13.97
N ASN B 58 -30.71 0.07 14.96
CA ASN B 58 -31.15 0.26 16.34
C ASN B 58 -31.28 1.72 16.81
N GLY B 59 -30.51 2.64 16.22
CA GLY B 59 -30.62 4.06 16.53
C GLY B 59 -31.69 4.85 15.78
N PHE B 60 -32.16 4.35 14.65
CA PHE B 60 -33.17 5.05 13.86
C PHE B 60 -34.52 5.15 14.57
N PRO B 61 -35.30 6.23 14.27
CA PRO B 61 -36.67 6.41 14.80
C PRO B 61 -37.51 5.16 14.59
N SER B 62 -38.42 4.83 15.50
CA SER B 62 -39.11 3.54 15.45
C SER B 62 -39.97 3.39 14.19
N ASN B 63 -40.40 4.52 13.65
CA ASN B 63 -41.11 4.51 12.39
C ASN B 63 -40.21 3.92 11.27
N LEU B 64 -39.02 4.47 11.16
CA LEU B 64 -38.05 4.02 10.17
C LEU B 64 -37.59 2.56 10.35
N ILE B 65 -37.23 2.17 11.55
CA ILE B 65 -36.74 0.82 11.80
C ILE B 65 -37.68 -0.25 11.22
N LYS B 66 -38.98 0.02 11.27
CA LYS B 66 -40.00 -0.94 10.78
C LYS B 66 -39.95 -1.02 9.26
N GLN B 67 -39.96 0.14 8.61
CA GLN B 67 -39.85 0.25 7.16
C GLN B 67 -38.76 -0.65 6.67
N VAL B 68 -37.57 -0.42 7.21
CA VAL B 68 -36.37 -1.14 6.82
C VAL B 68 -36.53 -2.65 6.97
N GLU B 69 -36.98 -3.12 8.13
CA GLU B 69 -37.02 -4.57 8.38
C GLU B 69 -38.03 -5.26 7.45
N LEU B 70 -39.06 -4.51 7.07
CA LEU B 70 -40.03 -5.00 6.09
C LEU B 70 -39.41 -5.01 4.71
N LEU B 71 -38.69 -3.92 4.43
CA LEU B 71 -38.01 -3.73 3.18
C LEU B 71 -36.97 -4.82 2.92
N ASP B 72 -36.30 -5.29 3.96
CA ASP B 72 -35.35 -6.39 3.83
C ASP B 72 -36.12 -7.68 3.54
N LYS B 73 -37.24 -7.84 4.24
CA LYS B 73 -38.10 -9.02 4.16
C LYS B 73 -38.63 -9.24 2.74
N SER B 74 -38.91 -8.15 2.02
CA SER B 74 -39.57 -8.28 0.74
C SER B 74 -38.67 -8.98 -0.28
N PHE B 75 -37.37 -8.85 -0.10
CA PHE B 75 -36.45 -9.47 -1.04
C PHE B 75 -36.47 -11.02 -0.95
N ASN B 76 -36.99 -11.54 0.16
CA ASN B 76 -37.20 -12.99 0.28
C ASN B 76 -38.14 -13.51 -0.79
N LYS B 77 -38.87 -12.57 -1.42
CA LYS B 77 -39.82 -12.86 -2.51
C LYS B 77 -39.43 -12.29 -3.90
N MET B 78 -38.64 -11.21 -3.92
CA MET B 78 -38.24 -10.57 -5.19
C MET B 78 -36.86 -11.03 -5.66
N LYS B 79 -36.85 -11.98 -6.58
CA LYS B 79 -35.62 -12.61 -7.03
C LYS B 79 -35.63 -12.74 -8.58
N THR B 80 -34.56 -12.29 -9.23
CA THR B 80 -34.47 -12.36 -10.68
C THR B 80 -34.35 -13.82 -11.12
N PRO B 81 -35.11 -14.23 -12.12
CA PRO B 81 -35.06 -15.60 -12.65
C PRO B 81 -33.97 -15.83 -13.69
N GLU B 82 -33.17 -14.82 -14.02
CA GLU B 82 -32.07 -14.97 -14.98
C GLU B 82 -30.91 -14.01 -14.74
N ASN B 83 -29.79 -14.28 -15.43
CA ASN B 83 -28.68 -13.35 -15.49
C ASN B 83 -29.15 -12.09 -16.21
N ILE B 84 -29.16 -10.98 -15.49
CA ILE B 84 -29.63 -9.72 -16.02
C ILE B 84 -28.62 -8.58 -15.84
N MET B 85 -28.75 -7.52 -16.64
CA MET B 85 -27.87 -6.34 -16.58
C MET B 85 -28.62 -5.10 -16.07
N LEU B 86 -28.06 -4.38 -15.11
CA LEU B 86 -28.67 -3.16 -14.58
C LEU B 86 -27.73 -1.98 -14.69
N PHE B 87 -28.28 -0.78 -14.55
CA PHE B 87 -27.56 0.46 -14.85
C PHE B 87 -27.91 1.43 -13.75
N ARG B 88 -26.99 2.34 -13.45
CA ARG B 88 -27.32 3.49 -12.62
C ARG B 88 -26.36 4.64 -12.82
N GLY B 89 -26.80 5.87 -12.56
CA GLY B 89 -25.93 7.03 -12.65
C GLY B 89 -25.54 7.54 -11.27
N ASP B 90 -24.38 8.14 -11.15
CA ASP B 90 -23.88 8.56 -9.87
C ASP B 90 -23.16 9.89 -10.09
N ASP B 91 -23.26 10.77 -9.10
CA ASP B 91 -22.50 12.01 -9.09
C ASP B 91 -21.08 11.74 -8.52
N PRO B 92 -20.20 12.72 -8.59
CA PRO B 92 -18.80 12.52 -8.17
C PRO B 92 -18.64 11.99 -6.74
N ALA B 93 -19.34 12.58 -5.78
CA ALA B 93 -19.31 12.10 -4.37
C ALA B 93 -19.38 10.58 -4.22
N TYR B 94 -19.99 9.88 -5.18
CA TYR B 94 -19.95 8.39 -5.19
C TYR B 94 -18.57 7.77 -5.02
N LEU B 95 -17.55 8.45 -5.50
CA LEU B 95 -16.22 7.88 -5.48
C LEU B 95 -15.50 8.21 -4.20
N GLY B 96 -16.06 9.15 -3.42
CA GLY B 96 -15.47 9.61 -2.16
C GLY B 96 -15.39 11.13 -2.04
N THR B 97 -15.07 11.64 -0.84
CA THR B 97 -15.05 13.09 -0.59
C THR B 97 -14.03 13.83 -1.45
N GLU B 98 -12.98 13.13 -1.85
CA GLU B 98 -11.90 13.76 -2.57
C GLU B 98 -12.22 14.00 -4.06
N PHE B 99 -13.13 13.20 -4.61
CA PHE B 99 -13.54 13.37 -6.00
C PHE B 99 -14.72 14.36 -6.10
N GLN B 100 -15.43 14.58 -5.00
CA GLN B 100 -16.46 15.60 -4.96
C GLN B 100 -16.19 16.77 -5.87
N ASN B 101 -15.15 17.55 -5.59
CA ASN B 101 -14.91 18.82 -6.33
C ASN B 101 -13.67 18.78 -7.21
N THR B 102 -13.26 17.60 -7.63
CA THR B 102 -12.09 17.45 -8.50
C THR B 102 -12.33 16.64 -9.77
N LEU B 103 -13.24 15.68 -9.70
CA LEU B 103 -13.55 14.79 -10.83
C LEU B 103 -13.85 15.59 -12.11
N LEU B 104 -14.56 16.70 -11.97
CA LEU B 104 -14.94 17.51 -13.11
C LEU B 104 -14.08 18.78 -13.32
N ASN B 105 -13.88 19.13 -14.58
CA ASN B 105 -13.31 20.40 -14.99
C ASN B 105 -14.48 21.35 -15.31
N SER B 106 -14.19 22.64 -15.49
CA SER B 106 -15.22 23.60 -15.85
C SER B 106 -15.86 23.26 -17.19
N ASN B 107 -15.07 22.66 -18.10
CA ASN B 107 -15.51 22.19 -19.44
C ASN B 107 -16.83 21.42 -19.42
N GLY B 108 -16.99 20.63 -18.36
CA GLY B 108 -17.98 19.58 -18.24
C GLY B 108 -17.40 18.20 -18.56
N THR B 109 -16.07 18.09 -18.70
CA THR B 109 -15.42 16.81 -19.01
C THR B 109 -14.83 16.25 -17.76
N ILE B 110 -14.31 15.03 -17.83
CA ILE B 110 -13.77 14.33 -16.67
C ILE B 110 -12.31 14.67 -16.63
N ASN B 111 -11.86 15.26 -15.55
CA ASN B 111 -10.44 15.47 -15.32
C ASN B 111 -9.61 14.19 -15.33
N LYS B 112 -8.83 14.00 -16.38
CA LYS B 112 -8.06 12.76 -16.60
C LYS B 112 -7.21 12.29 -15.40
N THR B 113 -6.68 13.19 -14.58
CA THR B 113 -5.84 12.76 -13.45
C THR B 113 -6.71 12.05 -12.41
N ALA B 114 -7.83 12.70 -12.13
CA ALA B 114 -8.85 12.22 -11.19
C ALA B 114 -9.42 10.88 -11.59
N PHE B 115 -9.44 10.61 -12.90
CA PHE B 115 -9.92 9.34 -13.44
C PHE B 115 -8.96 8.22 -13.11
N GLU B 116 -7.67 8.51 -13.20
CA GLU B 116 -6.65 7.50 -12.90
C GLU B 116 -6.59 7.16 -11.41
N LYS B 117 -6.84 8.16 -10.57
CA LYS B 117 -6.81 8.02 -9.14
C LYS B 117 -7.94 7.09 -8.75
N ALA B 118 -9.05 7.37 -9.39
CA ALA B 118 -10.29 6.64 -9.22
C ALA B 118 -10.14 5.17 -9.61
N LYS B 119 -9.44 4.86 -10.72
CA LYS B 119 -9.18 3.47 -11.12
C LYS B 119 -8.31 2.83 -10.07
N ALA B 120 -7.25 3.52 -9.72
CA ALA B 120 -6.32 2.99 -8.71
C ALA B 120 -7.04 2.54 -7.43
N LYS B 121 -8.11 3.25 -7.08
CA LYS B 121 -8.89 3.04 -5.87
C LYS B 121 -9.92 1.89 -5.93
N PHE B 122 -10.51 1.65 -7.09
CA PHE B 122 -11.65 0.73 -7.24
C PHE B 122 -11.49 -0.42 -8.21
N LEU B 123 -10.74 -0.21 -9.28
CA LEU B 123 -10.53 -1.25 -10.27
C LEU B 123 -10.25 -2.60 -9.61
N ASN B 124 -10.94 -3.64 -10.02
CA ASN B 124 -10.68 -4.98 -9.51
C ASN B 124 -10.78 -5.14 -8.00
N LYS B 125 -11.63 -4.32 -7.40
CA LYS B 125 -11.86 -4.41 -5.98
C LYS B 125 -13.34 -4.53 -5.67
N ASP B 126 -13.62 -5.19 -4.56
CA ASP B 126 -14.97 -5.31 -4.02
C ASP B 126 -15.37 -4.02 -3.34
N ARG B 127 -16.67 -3.75 -3.37
CA ARG B 127 -17.23 -2.57 -2.76
C ARG B 127 -18.56 -2.85 -2.05
N LEU B 128 -18.65 -2.40 -0.81
CA LEU B 128 -19.82 -2.62 0.04
C LEU B 128 -20.70 -1.36 0.11
N GLU B 129 -22.02 -1.53 0.03
CA GLU B 129 -22.93 -0.40 0.05
C GLU B 129 -23.99 -0.65 1.09
N TYR B 130 -24.03 0.24 2.06
CA TYR B 130 -24.89 0.07 3.20
C TYR B 130 -26.32 0.40 2.86
N GLY B 131 -26.52 1.47 2.10
CA GLY B 131 -27.84 1.83 1.58
C GLY B 131 -28.36 0.83 0.54
N TYR B 132 -29.62 1.03 0.14
CA TYR B 132 -30.20 0.18 -0.92
C TYR B 132 -29.68 0.76 -2.21
N ILE B 133 -29.42 -0.08 -3.17
CA ILE B 133 -29.05 0.42 -4.49
C ILE B 133 -30.29 0.40 -5.38
N SER B 134 -30.48 1.47 -6.11
CA SER B 134 -31.57 1.57 -7.05
C SER B 134 -30.93 1.62 -8.41
N THR B 135 -31.53 0.87 -9.32
CA THR B 135 -31.01 0.68 -10.67
C THR B 135 -32.15 0.62 -11.70
N SER B 136 -31.83 0.82 -12.97
CA SER B 136 -32.81 0.81 -14.04
C SER B 136 -32.52 -0.35 -14.98
N LEU B 137 -33.55 -0.88 -15.63
CA LEU B 137 -33.37 -1.94 -16.65
C LEU B 137 -32.70 -1.44 -17.94
N MET B 138 -32.62 -0.15 -18.13
CA MET B 138 -31.90 0.39 -19.27
C MET B 138 -31.09 1.59 -18.86
N ASN B 139 -30.21 2.05 -19.74
CA ASN B 139 -29.47 3.29 -19.49
C ASN B 139 -30.38 4.52 -19.75
N VAL B 140 -31.31 4.71 -18.83
CA VAL B 140 -32.34 5.73 -18.96
C VAL B 140 -31.77 7.15 -19.02
N SER B 141 -32.51 8.06 -19.65
CA SER B 141 -32.10 9.47 -19.80
C SER B 141 -32.08 10.21 -18.46
N GLN B 142 -33.14 10.02 -17.69
CA GLN B 142 -33.27 10.50 -16.31
C GLN B 142 -31.95 10.50 -15.47
N PHE B 143 -31.03 9.56 -15.75
CA PHE B 143 -29.75 9.44 -15.02
C PHE B 143 -28.54 9.15 -15.93
N ALA B 144 -28.72 9.23 -17.25
CA ALA B 144 -27.64 9.03 -18.19
C ALA B 144 -26.78 10.28 -18.29
N GLY B 145 -27.33 11.43 -17.91
CA GLY B 145 -26.61 12.70 -17.94
C GLY B 145 -25.58 12.88 -16.82
N ARG B 146 -25.60 11.99 -15.82
CA ARG B 146 -24.65 12.03 -14.72
C ARG B 146 -23.25 11.53 -15.19
N PRO B 147 -22.19 11.99 -14.53
CA PRO B 147 -20.81 11.76 -14.98
C PRO B 147 -20.26 10.34 -14.74
N ILE B 148 -20.96 9.53 -13.94
CA ILE B 148 -20.62 8.13 -13.66
C ILE B 148 -21.79 7.23 -13.96
N ILE B 149 -21.50 6.13 -14.64
CA ILE B 149 -22.51 5.16 -14.98
C ILE B 149 -21.98 3.77 -14.72
N THR B 150 -22.78 2.96 -14.04
CA THR B 150 -22.38 1.62 -13.65
C THR B 150 -23.28 0.60 -14.35
N LYS B 151 -22.65 -0.43 -14.93
CA LYS B 151 -23.32 -1.61 -15.45
C LYS B 151 -23.15 -2.82 -14.50
N PHE B 152 -24.09 -3.09 -13.60
CA PHE B 152 -24.03 -4.24 -12.72
C PHE B 152 -24.42 -5.55 -13.40
N LYS B 153 -23.54 -6.54 -13.45
CA LYS B 153 -24.00 -7.89 -13.82
C LYS B 153 -24.67 -8.62 -12.63
N VAL B 154 -25.88 -9.10 -12.82
CA VAL B 154 -26.60 -9.63 -11.71
C VAL B 154 -27.02 -11.03 -12.04
N ALA B 155 -26.67 -11.99 -11.20
CA ALA B 155 -26.90 -13.39 -11.53
C ALA B 155 -28.29 -13.88 -11.16
N LYS B 156 -28.76 -14.84 -11.96
CA LYS B 156 -29.97 -15.61 -11.67
C LYS B 156 -30.07 -16.03 -10.20
N GLY B 157 -31.13 -15.56 -9.53
CA GLY B 157 -31.46 -15.97 -8.18
C GLY B 157 -31.18 -14.85 -7.19
N SER B 158 -30.30 -13.92 -7.57
CA SER B 158 -29.98 -12.76 -6.76
C SER B 158 -31.24 -12.01 -6.33
N LYS B 159 -31.16 -11.28 -5.22
CA LYS B 159 -32.29 -10.47 -4.79
C LYS B 159 -32.30 -9.21 -5.62
N ALA B 160 -33.49 -8.83 -6.07
CA ALA B 160 -33.68 -7.76 -7.07
C ALA B 160 -35.17 -7.60 -7.43
N GLY B 161 -35.72 -6.39 -7.19
CA GLY B 161 -37.17 -6.18 -7.32
C GLY B 161 -37.61 -5.02 -8.19
N TYR B 162 -38.54 -5.31 -9.13
CA TYR B 162 -39.20 -4.31 -10.00
C TYR B 162 -40.28 -3.54 -9.25
N ILE B 163 -40.07 -2.27 -8.95
CA ILE B 163 -40.99 -1.62 -8.02
C ILE B 163 -41.93 -0.59 -8.61
N ASP B 164 -41.85 -0.32 -9.91
CA ASP B 164 -42.74 0.68 -10.54
C ASP B 164 -44.21 0.47 -10.24
N PRO B 165 -44.69 -0.77 -10.29
CA PRO B 165 -46.09 -1.03 -9.93
C PRO B 165 -46.49 -0.64 -8.51
N ILE B 166 -45.53 -0.47 -7.59
CA ILE B 166 -45.82 -0.12 -6.20
C ILE B 166 -45.77 1.38 -5.93
N SER B 167 -44.93 2.12 -6.63
CA SER B 167 -44.79 3.53 -6.35
C SER B 167 -44.41 4.35 -7.60
N ALA B 168 -45.03 5.52 -7.74
CA ALA B 168 -44.80 6.39 -8.89
C ALA B 168 -43.62 7.31 -8.63
N PHE B 169 -43.15 7.26 -7.39
CA PHE B 169 -41.93 7.95 -7.00
C PHE B 169 -40.68 7.26 -7.56
N ALA B 170 -40.81 5.95 -7.81
CA ALA B 170 -39.75 5.17 -8.41
C ALA B 170 -39.42 5.67 -9.80
N GLY B 171 -38.15 5.49 -10.15
CA GLY B 171 -37.60 5.95 -11.42
C GLY B 171 -38.02 5.04 -12.54
N ALA B 172 -37.73 5.49 -13.76
CA ALA B 172 -37.96 4.71 -14.98
C ALA B 172 -37.36 3.26 -14.94
N LEU B 173 -38.22 2.26 -14.90
CA LEU B 173 -37.74 0.88 -14.97
C LEU B 173 -36.82 0.53 -13.77
N GLU B 174 -37.16 1.04 -12.60
CA GLU B 174 -36.36 0.79 -11.42
C GLU B 174 -36.35 -0.67 -10.94
N MET B 175 -35.14 -1.19 -10.72
CA MET B 175 -34.88 -2.44 -9.97
C MET B 175 -34.10 -2.11 -8.70
N LEU B 176 -34.63 -2.46 -7.54
CA LEU B 176 -33.97 -2.14 -6.28
C LEU B 176 -33.22 -3.37 -5.78
N LEU B 177 -31.98 -3.18 -5.39
CA LEU B 177 -31.18 -4.25 -4.82
C LEU B 177 -31.04 -4.04 -3.32
N PRO B 178 -30.91 -5.12 -2.55
CA PRO B 178 -30.94 -5.03 -1.08
C PRO B 178 -29.82 -4.21 -0.55
N ARG B 179 -29.96 -3.80 0.70
CA ARG B 179 -28.89 -3.10 1.42
C ARG B 179 -27.84 -4.11 1.83
N HIS B 180 -26.68 -3.58 2.24
CA HIS B 180 -25.48 -4.38 2.53
C HIS B 180 -25.05 -5.26 1.38
N SER B 181 -25.20 -4.78 0.15
CA SER B 181 -24.75 -5.59 -1.03
C SER B 181 -23.31 -5.31 -1.38
N THR B 182 -22.67 -6.27 -2.02
CA THR B 182 -21.28 -6.18 -2.38
C THR B 182 -21.11 -6.48 -3.88
N TYR B 183 -20.31 -5.64 -4.54
CA TYR B 183 -20.04 -5.79 -5.97
C TYR B 183 -18.56 -5.63 -6.29
N HIS B 184 -18.14 -6.28 -7.38
CA HIS B 184 -16.77 -6.29 -7.77
C HIS B 184 -16.58 -5.39 -9.01
N ILE B 185 -15.88 -4.27 -8.86
CA ILE B 185 -15.57 -3.48 -10.01
C ILE B 185 -14.61 -4.27 -10.93
N ASP B 186 -15.14 -4.77 -12.04
CA ASP B 186 -14.38 -5.47 -13.08
C ASP B 186 -13.61 -4.54 -14.03
N ASP B 187 -14.25 -3.48 -14.49
CA ASP B 187 -13.56 -2.50 -15.32
C ASP B 187 -14.11 -1.08 -15.18
N MET B 188 -13.24 -0.11 -15.53
CA MET B 188 -13.54 1.33 -15.57
C MET B 188 -12.92 1.94 -16.81
N ARG B 189 -13.70 2.71 -17.56
CA ARG B 189 -13.19 3.34 -18.77
C ARG B 189 -13.90 4.67 -18.99
N LEU B 190 -13.28 5.57 -19.75
CA LEU B 190 -13.86 6.85 -20.12
C LEU B 190 -14.66 6.76 -21.41
N SER B 191 -15.75 7.50 -21.50
CA SER B 191 -16.62 7.48 -22.67
C SER B 191 -15.98 8.17 -23.89
N SER B 192 -16.69 8.16 -25.04
CA SER B 192 -16.21 8.75 -26.31
C SER B 192 -15.96 10.24 -26.11
N ASP B 193 -17.06 10.91 -25.77
CA ASP B 193 -17.09 12.34 -25.38
C ASP B 193 -16.45 12.72 -24.01
N GLY B 194 -15.47 11.97 -23.52
CA GLY B 194 -14.77 12.26 -22.27
C GLY B 194 -15.57 12.80 -21.08
N LYS B 195 -16.89 12.58 -21.06
CA LYS B 195 -17.84 13.21 -20.13
C LYS B 195 -18.47 12.24 -19.08
N GLN B 196 -18.15 10.95 -19.18
CA GLN B 196 -18.70 9.94 -18.31
C GLN B 196 -17.65 8.88 -17.99
N ILE B 197 -17.76 8.29 -16.80
CA ILE B 197 -17.00 7.10 -16.45
C ILE B 197 -17.95 5.93 -16.53
N ILE B 198 -17.50 4.84 -17.16
CA ILE B 198 -18.32 3.65 -17.33
C ILE B 198 -17.70 2.53 -16.55
N ILE B 199 -18.39 2.15 -15.49
CA ILE B 199 -17.93 1.10 -14.60
C ILE B 199 -18.72 -0.16 -14.91
N THR B 200 -18.01 -1.27 -14.99
CA THR B 200 -18.60 -2.58 -15.12
C THR B 200 -18.28 -3.28 -13.82
N ALA B 201 -19.30 -3.89 -13.20
CA ALA B 201 -19.20 -4.50 -11.87
C ALA B 201 -19.98 -5.78 -11.87
N THR B 202 -19.55 -6.75 -11.10
CA THR B 202 -20.33 -7.98 -10.95
C THR B 202 -20.96 -7.97 -9.58
N MET B 203 -22.28 -8.00 -9.50
CA MET B 203 -22.98 -8.01 -8.21
C MET B 203 -22.93 -9.38 -7.58
N MET B 204 -22.77 -9.41 -6.26
CA MET B 204 -22.48 -10.65 -5.59
C MET B 204 -23.49 -11.00 -4.51
N GLY B 205 -23.65 -10.18 -3.48
CA GLY B 205 -24.49 -10.61 -2.38
C GLY B 205 -24.36 -9.92 -1.05
N THR B 206 -25.32 -10.20 -0.18
CA THR B 206 -25.48 -9.48 1.08
C THR B 206 -24.68 -10.09 2.27
N ALA B 207 -24.07 -11.25 2.01
CA ALA B 207 -23.34 -12.04 3.02
C ALA B 207 -21.95 -12.44 2.53
N ASN C 4 5.71 9.99 -12.11
CA ASN C 4 6.05 11.22 -12.87
C ASN C 4 6.54 10.89 -14.31
N THR C 5 7.75 11.27 -14.68
CA THR C 5 8.28 10.99 -16.02
C THR C 5 9.28 9.86 -15.94
N TYR C 6 9.12 8.86 -16.80
CA TYR C 6 9.99 7.70 -16.76
C TYR C 6 10.76 7.60 -18.08
N GLN C 7 12.07 7.58 -17.99
CA GLN C 7 12.93 7.55 -19.14
C GLN C 7 12.80 6.22 -19.92
N GLU C 8 12.48 6.32 -21.21
CA GLU C 8 12.39 5.18 -22.11
C GLU C 8 13.40 5.29 -23.23
N PHE C 9 14.30 4.31 -23.30
CA PHE C 9 15.40 4.30 -24.25
C PHE C 9 14.92 3.89 -25.60
N THR C 10 15.36 4.57 -26.63
CA THR C 10 14.80 4.36 -27.97
C THR C 10 15.78 3.79 -28.98
N ASN C 11 17.06 3.76 -28.60
CA ASN C 11 18.13 3.19 -29.42
C ASN C 11 19.22 2.46 -28.61
N ILE C 12 19.70 1.33 -29.15
CA ILE C 12 20.70 0.49 -28.49
C ILE C 12 21.86 1.36 -28.02
N ASP C 13 22.32 2.28 -28.85
CA ASP C 13 23.53 3.06 -28.51
C ASP C 13 23.40 3.93 -27.25
N GLN C 14 22.32 4.70 -27.19
CA GLN C 14 22.07 5.53 -26.02
C GLN C 14 22.01 4.67 -24.74
N ALA C 15 21.28 3.57 -24.83
CA ALA C 15 20.99 2.72 -23.70
C ALA C 15 22.25 2.08 -23.12
N LYS C 16 23.02 1.47 -24.02
CA LYS C 16 24.33 0.90 -23.75
C LYS C 16 25.29 1.90 -23.12
N ALA C 17 25.19 3.16 -23.52
CA ALA C 17 26.10 4.19 -23.02
C ALA C 17 25.70 4.62 -21.63
N TRP C 18 24.42 4.87 -21.44
CA TRP C 18 23.85 5.15 -20.14
C TRP C 18 24.25 4.05 -19.15
N GLY C 19 24.10 2.81 -19.61
CA GLY C 19 24.28 1.68 -18.75
C GLY C 19 25.73 1.56 -18.36
N ASN C 20 26.63 1.89 -19.28
CA ASN C 20 28.05 1.72 -19.08
C ASN C 20 28.50 2.77 -18.11
N ALA C 21 27.86 3.94 -18.22
CA ALA C 21 28.07 5.04 -17.29
C ALA C 21 27.64 4.57 -15.91
N GLN C 22 26.49 3.93 -15.80
CA GLN C 22 26.08 3.41 -14.49
C GLN C 22 27.10 2.43 -13.92
N TYR C 23 27.50 1.45 -14.69
CA TYR C 23 28.36 0.42 -14.19
C TYR C 23 29.59 0.99 -13.50
N LYS C 24 30.13 2.11 -14.01
CA LYS C 24 31.38 2.69 -13.47
C LYS C 24 31.22 3.16 -12.02
N LYS C 25 30.03 3.69 -11.69
CA LYS C 25 29.72 4.18 -10.37
C LYS C 25 29.52 3.07 -9.35
N TYR C 26 29.49 1.81 -9.78
CA TYR C 26 29.18 0.70 -8.87
C TYR C 26 30.33 0.36 -7.89
N GLY C 27 31.50 0.03 -8.45
CA GLY C 27 32.62 -0.48 -7.68
C GLY C 27 32.31 -1.76 -6.94
N LEU C 28 31.93 -2.81 -7.65
CA LEU C 28 31.70 -4.13 -7.03
C LEU C 28 32.99 -4.87 -6.69
N SER C 29 32.83 -5.89 -5.85
CA SER C 29 33.92 -6.74 -5.37
C SER C 29 34.07 -7.94 -6.27
N LYS C 30 35.24 -8.57 -6.28
CA LYS C 30 35.45 -9.75 -7.10
C LYS C 30 34.45 -10.85 -6.79
N SER C 31 34.23 -11.14 -5.52
CA SER C 31 33.30 -12.24 -5.20
C SER C 31 31.83 -11.92 -5.59
N GLU C 32 31.55 -10.60 -5.69
CA GLU C 32 30.20 -10.09 -5.96
C GLU C 32 29.94 -10.15 -7.47
N LYS C 33 30.97 -9.80 -8.22
CA LYS C 33 30.99 -10.12 -9.64
C LYS C 33 30.87 -11.65 -9.88
N GLU C 34 31.63 -12.45 -9.14
CA GLU C 34 31.64 -13.88 -9.40
C GLU C 34 30.25 -14.39 -9.07
N ALA C 35 29.60 -13.74 -8.10
CA ALA C 35 28.25 -14.17 -7.74
C ALA C 35 27.29 -13.92 -8.89
N ILE C 36 27.43 -12.76 -9.54
CA ILE C 36 26.52 -12.35 -10.60
C ILE C 36 26.74 -13.19 -11.85
N VAL C 37 27.98 -13.51 -12.13
CA VAL C 37 28.26 -14.41 -13.22
C VAL C 37 27.53 -15.72 -13.02
N SER C 38 27.71 -16.37 -11.87
CA SER C 38 27.06 -17.68 -11.65
C SER C 38 25.56 -17.60 -11.77
N TYR C 39 24.97 -16.50 -11.29
CA TYR C 39 23.55 -16.27 -11.57
C TYR C 39 23.25 -16.19 -13.10
N THR C 40 24.11 -15.56 -13.91
CA THR C 40 23.84 -15.49 -15.36
C THR C 40 23.95 -16.83 -16.02
N LYS C 41 24.78 -17.69 -15.44
CA LYS C 41 24.98 -19.03 -15.92
C LYS C 41 23.80 -19.92 -15.62
N SER C 42 22.99 -19.60 -14.63
CA SER C 42 21.93 -20.53 -14.24
C SER C 42 20.69 -19.82 -13.61
N ALA C 43 20.30 -18.69 -14.19
CA ALA C 43 19.21 -17.88 -13.69
C ALA C 43 17.89 -18.62 -13.60
N SER C 44 17.57 -19.45 -14.59
CA SER C 44 16.29 -20.14 -14.59
C SER C 44 16.26 -21.17 -13.48
N GLU C 45 17.36 -21.90 -13.34
CA GLU C 45 17.46 -22.89 -12.28
C GLU C 45 17.29 -22.26 -10.92
N ILE C 46 18.14 -21.27 -10.62
CA ILE C 46 18.11 -20.60 -9.30
C ILE C 46 16.75 -20.01 -8.96
N ASN C 47 16.22 -19.18 -9.85
CA ASN C 47 14.92 -18.57 -9.67
C ASN C 47 13.86 -19.62 -9.46
N GLY C 48 13.94 -20.69 -10.24
CA GLY C 48 13.03 -21.81 -10.14
C GLY C 48 13.07 -22.40 -8.75
N LYS C 49 14.26 -22.51 -8.18
CA LYS C 49 14.38 -23.02 -6.82
C LYS C 49 13.84 -22.00 -5.86
N LEU C 50 14.14 -20.72 -6.06
CA LEU C 50 13.66 -19.67 -5.17
C LEU C 50 12.14 -19.65 -5.11
N ARG C 51 11.49 -19.92 -6.23
CA ARG C 51 10.04 -19.91 -6.27
C ARG C 51 9.48 -21.14 -5.58
N GLN C 52 10.16 -22.26 -5.79
CA GLN C 52 9.71 -23.54 -5.24
C GLN C 52 9.73 -23.50 -3.72
N ASN C 53 10.73 -22.85 -3.16
CA ASN C 53 10.90 -22.78 -1.73
C ASN C 53 10.40 -21.44 -1.13
N LYS C 54 9.38 -20.88 -1.80
CA LYS C 54 8.78 -19.57 -1.49
C LYS C 54 9.74 -18.53 -0.88
N GLY C 55 11.00 -18.53 -1.32
CA GLY C 55 11.91 -17.49 -0.90
C GLY C 55 12.99 -17.94 0.04
N VAL C 56 12.69 -18.89 0.94
CA VAL C 56 13.69 -19.33 1.94
C VAL C 56 14.74 -20.26 1.34
N ILE C 57 15.97 -19.83 1.49
CA ILE C 57 17.10 -20.55 0.94
C ILE C 57 17.64 -21.66 1.89
N ASN C 58 16.86 -22.02 2.92
CA ASN C 58 17.22 -23.03 3.92
C ASN C 58 17.54 -24.36 3.26
N GLY C 59 18.74 -24.92 3.49
CA GLY C 59 19.11 -26.20 2.90
C GLY C 59 19.27 -26.20 1.36
N PHE C 60 19.69 -25.06 0.82
CA PHE C 60 20.21 -25.00 -0.54
C PHE C 60 21.67 -25.52 -0.43
N PRO C 61 22.25 -26.03 -1.52
CA PRO C 61 23.69 -26.30 -1.51
C PRO C 61 24.45 -25.17 -0.85
N SER C 62 25.30 -25.50 0.10
CA SER C 62 26.13 -24.53 0.79
C SER C 62 26.56 -23.36 -0.12
N ASN C 63 27.06 -23.70 -1.31
CA ASN C 63 27.57 -22.75 -2.31
C ASN C 63 26.61 -21.62 -2.70
N LEU C 64 25.42 -22.05 -3.08
CA LEU C 64 24.36 -21.17 -3.54
C LEU C 64 24.02 -20.13 -2.50
N ILE C 65 23.85 -20.56 -1.24
CA ILE C 65 23.56 -19.67 -0.13
C ILE C 65 24.54 -18.53 -0.12
N LYS C 66 25.81 -18.83 -0.30
CA LYS C 66 26.81 -17.78 -0.31
C LYS C 66 26.54 -16.86 -1.49
N GLN C 67 26.31 -17.44 -2.67
CA GLN C 67 26.04 -16.66 -3.88
C GLN C 67 24.79 -15.76 -3.80
N VAL C 68 23.69 -16.35 -3.38
CA VAL C 68 22.48 -15.58 -3.21
C VAL C 68 22.69 -14.39 -2.25
N GLU C 69 23.47 -14.56 -1.18
CA GLU C 69 23.63 -13.51 -0.19
C GLU C 69 24.50 -12.43 -0.75
N LEU C 70 25.49 -12.85 -1.52
CA LEU C 70 26.34 -11.86 -2.19
C LEU C 70 25.52 -11.03 -3.19
N LEU C 71 24.57 -11.69 -3.85
CA LEU C 71 23.78 -11.03 -4.84
C LEU C 71 22.91 -9.97 -4.24
N ASP C 72 22.22 -10.34 -3.17
CA ASP C 72 21.28 -9.46 -2.44
C ASP C 72 21.95 -8.20 -1.95
N LYS C 73 23.18 -8.39 -1.49
CA LYS C 73 24.02 -7.33 -0.94
C LYS C 73 24.64 -6.46 -2.04
N SER C 74 24.86 -7.04 -3.22
CA SER C 74 25.48 -6.31 -4.33
C SER C 74 24.56 -5.16 -4.79
N PHE C 75 23.26 -5.33 -4.56
CA PHE C 75 22.28 -4.30 -4.87
C PHE C 75 22.40 -3.03 -4.02
N ASN C 76 23.09 -3.08 -2.87
CA ASN C 76 23.28 -1.86 -2.07
C ASN C 76 24.09 -0.84 -2.85
N LYS C 77 24.83 -1.32 -3.85
CA LYS C 77 25.65 -0.44 -4.69
C LYS C 77 25.05 -0.09 -6.07
N MET C 78 23.98 -0.79 -6.48
CA MET C 78 23.40 -0.67 -7.83
C MET C 78 22.02 -0.03 -7.82
N LYS C 79 22.00 1.28 -7.85
CA LYS C 79 20.75 2.03 -7.84
C LYS C 79 20.63 2.80 -9.15
N THR C 80 19.41 2.95 -9.62
CA THR C 80 19.17 3.78 -10.79
C THR C 80 19.19 5.27 -10.40
N PRO C 81 19.79 6.13 -11.23
CA PRO C 81 19.87 7.58 -10.96
C PRO C 81 18.65 8.41 -11.37
N GLU C 82 17.76 7.86 -12.18
CA GLU C 82 16.54 8.54 -12.56
C GLU C 82 15.41 7.51 -12.69
N ASN C 83 14.15 7.95 -12.72
CA ASN C 83 13.04 7.11 -13.16
C ASN C 83 13.28 6.47 -14.52
N ILE C 84 13.11 5.17 -14.64
CA ILE C 84 13.26 4.49 -15.93
C ILE C 84 12.25 3.42 -16.12
N MET C 85 12.11 3.02 -17.39
CA MET C 85 11.26 1.95 -17.84
C MET C 85 12.08 0.74 -18.30
N LEU C 86 11.69 -0.43 -17.80
CA LEU C 86 12.37 -1.67 -18.09
C LEU C 86 11.36 -2.61 -18.56
N PHE C 87 11.79 -3.55 -19.39
CA PHE C 87 10.91 -4.46 -20.11
C PHE C 87 11.29 -5.89 -19.85
N ARG C 88 10.33 -6.78 -19.99
CA ARG C 88 10.63 -8.21 -20.02
C ARG C 88 9.49 -8.98 -20.68
N GLY C 89 9.80 -10.12 -21.27
CA GLY C 89 8.76 -11.01 -21.78
C GLY C 89 8.64 -12.23 -20.90
N ASP C 90 7.47 -12.86 -20.95
CA ASP C 90 7.19 -14.07 -20.18
C ASP C 90 6.25 -14.96 -20.97
N ASP C 91 6.28 -16.24 -20.58
CA ASP C 91 5.47 -17.30 -21.17
C ASP C 91 4.27 -17.58 -20.28
N PRO C 92 3.22 -18.18 -20.82
CA PRO C 92 2.00 -18.36 -20.06
C PRO C 92 2.17 -18.85 -18.64
N ALA C 93 3.08 -19.75 -18.38
CA ALA C 93 3.26 -20.19 -17.00
C ALA C 93 3.45 -19.04 -16.00
N TYR C 94 3.77 -17.84 -16.49
CA TYR C 94 3.99 -16.68 -15.62
C TYR C 94 2.74 -16.33 -14.82
N LEU C 95 1.59 -16.45 -15.47
CA LEU C 95 0.31 -16.17 -14.87
C LEU C 95 -0.15 -17.26 -13.89
N GLY C 96 0.43 -18.46 -14.01
CA GLY C 96 0.13 -19.61 -13.13
C GLY C 96 0.03 -20.92 -13.93
N THR C 97 0.06 -22.08 -13.24
CA THR C 97 0.00 -23.42 -13.90
C THR C 97 -1.34 -23.73 -14.56
N GLU C 98 -2.23 -22.75 -14.59
CA GLU C 98 -3.58 -22.89 -15.16
C GLU C 98 -3.70 -22.29 -16.57
N PHE C 99 -2.73 -21.47 -16.95
CA PHE C 99 -2.73 -20.80 -18.25
C PHE C 99 -1.79 -21.50 -19.20
N GLN C 100 -1.09 -22.50 -18.71
CA GLN C 100 -0.07 -23.14 -19.53
C GLN C 100 -0.52 -23.49 -20.97
N ASN C 101 -1.64 -24.20 -21.12
CA ASN C 101 -2.11 -24.63 -22.45
C ASN C 101 -3.44 -24.02 -22.80
N THR C 102 -3.77 -22.93 -22.13
CA THR C 102 -5.07 -22.31 -22.27
C THR C 102 -4.94 -20.90 -22.77
N LEU C 103 -3.98 -20.13 -22.24
CA LEU C 103 -3.83 -18.70 -22.56
C LEU C 103 -3.82 -18.39 -24.06
N LEU C 104 -3.23 -19.31 -24.81
CA LEU C 104 -3.19 -19.22 -26.26
C LEU C 104 -4.17 -20.19 -26.87
N ASN C 105 -4.93 -19.73 -27.87
CA ASN C 105 -5.73 -20.65 -28.67
C ASN C 105 -5.03 -20.98 -30.01
N SER C 106 -5.54 -22.01 -30.68
CA SER C 106 -4.88 -22.62 -31.85
C SER C 106 -4.21 -21.65 -32.81
N ASN C 107 -4.96 -20.69 -33.34
CA ASN C 107 -4.43 -19.80 -34.39
C ASN C 107 -3.18 -18.98 -34.01
N GLY C 108 -3.09 -18.60 -32.73
CA GLY C 108 -1.91 -17.92 -32.17
C GLY C 108 -2.22 -16.66 -31.38
N THR C 109 -3.47 -16.53 -30.94
CA THR C 109 -3.99 -15.36 -30.19
C THR C 109 -4.35 -15.70 -28.75
N ILE C 110 -4.62 -14.63 -28.00
CA ILE C 110 -4.91 -14.68 -26.58
C ILE C 110 -6.36 -15.08 -26.37
N ASN C 111 -6.59 -16.26 -25.78
CA ASN C 111 -7.95 -16.70 -25.45
C ASN C 111 -8.66 -15.58 -24.67
N LYS C 112 -9.65 -14.97 -25.31
CA LYS C 112 -10.41 -13.85 -24.76
C LYS C 112 -10.89 -14.07 -23.35
N THR C 113 -11.10 -15.34 -22.99
CA THR C 113 -11.66 -15.72 -21.69
C THR C 113 -10.53 -15.83 -20.70
N ALA C 114 -9.41 -16.35 -21.19
CA ALA C 114 -8.22 -16.45 -20.36
C ALA C 114 -7.78 -15.07 -19.87
N PHE C 115 -7.79 -14.10 -20.79
CA PHE C 115 -7.42 -12.72 -20.51
C PHE C 115 -8.25 -12.19 -19.37
N GLU C 116 -9.55 -12.49 -19.38
CA GLU C 116 -10.42 -11.93 -18.34
C GLU C 116 -10.07 -12.49 -17.01
N LYS C 117 -9.64 -13.74 -16.97
CA LYS C 117 -9.31 -14.41 -15.72
C LYS C 117 -8.02 -13.84 -15.16
N ALA C 118 -7.14 -13.47 -16.07
CA ALA C 118 -5.81 -12.94 -15.75
C ALA C 118 -5.94 -11.55 -15.17
N LYS C 119 -6.73 -10.71 -15.83
CA LYS C 119 -7.13 -9.41 -15.33
C LYS C 119 -7.68 -9.53 -13.92
N ALA C 120 -8.49 -10.55 -13.70
CA ALA C 120 -9.14 -10.74 -12.42
C ALA C 120 -8.15 -11.19 -11.36
N LYS C 121 -7.20 -12.02 -11.78
CA LYS C 121 -6.17 -12.57 -10.88
C LYS C 121 -5.13 -11.53 -10.46
N PHE C 122 -4.84 -10.58 -11.36
CA PHE C 122 -3.69 -9.70 -11.24
C PHE C 122 -3.93 -8.19 -11.22
N LEU C 123 -4.82 -7.68 -12.07
CA LEU C 123 -5.03 -6.23 -12.23
C LEU C 123 -5.21 -5.43 -10.93
N ASN C 124 -4.54 -4.30 -10.85
CA ASN C 124 -4.55 -3.44 -9.67
C ASN C 124 -4.28 -4.15 -8.35
N LYS C 125 -3.33 -5.10 -8.40
CA LYS C 125 -2.87 -5.87 -7.25
C LYS C 125 -1.33 -5.88 -7.08
N ASP C 126 -0.87 -6.10 -5.85
CA ASP C 126 0.53 -6.36 -5.58
C ASP C 126 0.86 -7.80 -6.01
N ARG C 127 2.09 -8.01 -6.43
CA ARG C 127 2.58 -9.34 -6.76
C ARG C 127 3.95 -9.51 -6.21
N LEU C 128 4.17 -10.60 -5.50
CA LEU C 128 5.46 -10.90 -4.92
C LEU C 128 6.18 -11.84 -5.86
N GLU C 129 7.48 -11.65 -6.01
CA GLU C 129 8.28 -12.43 -6.90
C GLU C 129 9.47 -12.92 -6.12
N TYR C 130 9.57 -14.22 -5.90
CA TYR C 130 10.66 -14.78 -5.11
C TYR C 130 12.02 -14.77 -5.83
N GLY C 131 11.96 -14.81 -7.16
CA GLY C 131 13.19 -14.82 -7.93
C GLY C 131 13.75 -13.45 -8.13
N TYR C 132 14.96 -13.39 -8.65
CA TYR C 132 15.46 -12.19 -9.21
C TYR C 132 14.69 -11.93 -10.51
N ILE C 133 14.45 -10.65 -10.78
CA ILE C 133 13.79 -10.28 -12.01
C ILE C 133 14.81 -9.76 -13.00
N SER C 134 15.03 -10.52 -14.07
CA SER C 134 15.80 -10.04 -15.21
C SER C 134 14.93 -9.18 -16.12
N THR C 135 15.37 -7.97 -16.47
CA THR C 135 14.63 -7.13 -17.42
C THR C 135 15.59 -6.61 -18.45
N SER C 136 15.07 -5.89 -19.44
CA SER C 136 15.90 -5.19 -20.43
C SER C 136 15.51 -3.70 -20.53
N LEU C 137 16.47 -2.85 -20.81
CA LEU C 137 16.21 -1.43 -21.09
C LEU C 137 15.37 -1.16 -22.30
N MET C 138 15.20 -2.14 -23.16
CA MET C 138 14.31 -2.02 -24.32
C MET C 138 13.66 -3.35 -24.54
N ASN C 139 12.54 -3.36 -25.27
CA ASN C 139 11.96 -4.64 -25.63
C ASN C 139 12.81 -5.37 -26.69
N VAL C 140 13.89 -6.01 -26.25
CA VAL C 140 14.84 -6.67 -27.14
C VAL C 140 14.18 -7.89 -27.73
N SER C 141 14.80 -8.43 -28.78
CA SER C 141 14.19 -9.47 -29.61
C SER C 141 14.30 -10.88 -28.99
N GLN C 142 15.30 -11.09 -28.15
CA GLN C 142 15.43 -12.37 -27.46
C GLN C 142 14.20 -12.71 -26.60
N PHE C 143 13.35 -11.72 -26.28
CA PHE C 143 12.17 -11.95 -25.45
C PHE C 143 10.89 -11.18 -25.87
N ALA C 144 10.97 -10.35 -26.91
CA ALA C 144 9.80 -9.59 -27.41
C ALA C 144 8.83 -10.44 -28.24
N GLY C 145 9.34 -11.54 -28.81
CA GLY C 145 8.51 -12.53 -29.49
C GLY C 145 7.65 -13.35 -28.52
N ARG C 146 7.53 -12.92 -27.25
CA ARG C 146 6.83 -13.65 -26.20
C ARG C 146 5.39 -13.12 -25.98
N PRO C 147 4.50 -13.98 -25.49
CA PRO C 147 3.07 -13.66 -25.38
C PRO C 147 2.73 -12.55 -24.37
N ILE C 148 3.56 -12.40 -23.36
CA ILE C 148 3.36 -11.37 -22.35
C ILE C 148 4.58 -10.46 -22.30
N ILE C 149 4.33 -9.16 -22.33
CA ILE C 149 5.35 -8.16 -22.14
C ILE C 149 4.97 -7.30 -20.95
N THR C 150 5.86 -7.17 -19.99
CA THR C 150 5.66 -6.31 -18.83
C THR C 150 6.50 -5.06 -18.99
N LYS C 151 5.91 -3.89 -18.74
CA LYS C 151 6.64 -2.62 -18.77
C LYS C 151 6.75 -2.17 -17.30
N PHE C 152 7.94 -2.16 -16.73
CA PHE C 152 8.09 -1.81 -15.34
C PHE C 152 8.58 -0.36 -15.21
N LYS C 153 7.80 0.45 -14.47
CA LYS C 153 8.18 1.78 -14.05
C LYS C 153 9.00 1.68 -12.74
N VAL C 154 10.29 1.95 -12.83
CA VAL C 154 11.23 1.85 -11.73
C VAL C 154 11.75 3.26 -11.28
N ALA C 155 11.50 3.59 -10.01
CA ALA C 155 11.72 4.96 -9.52
C ALA C 155 13.18 5.24 -9.31
N LYS C 156 13.57 6.48 -9.59
CA LYS C 156 14.85 7.02 -9.18
C LYS C 156 15.20 6.46 -7.80
N GLY C 157 16.42 6.00 -7.64
CA GLY C 157 16.88 5.50 -6.35
C GLY C 157 16.67 4.04 -6.03
N SER C 158 15.86 3.35 -6.82
CA SER C 158 15.59 1.91 -6.64
C SER C 158 16.77 1.00 -6.97
N LYS C 159 16.80 -0.18 -6.39
CA LYS C 159 17.80 -1.22 -6.71
C LYS C 159 17.58 -1.81 -8.13
N ALA C 160 18.67 -1.86 -8.90
CA ALA C 160 18.66 -2.12 -10.35
C ALA C 160 20.05 -2.00 -10.92
N GLY C 161 20.53 -3.05 -11.58
CA GLY C 161 21.91 -3.12 -12.01
C GLY C 161 22.08 -3.50 -13.49
N TYR C 162 22.96 -2.78 -14.19
CA TYR C 162 23.27 -3.02 -15.57
C TYR C 162 24.41 -3.97 -15.57
N ILE C 163 24.16 -5.23 -15.85
CA ILE C 163 25.18 -6.26 -15.65
C ILE C 163 25.92 -6.84 -16.88
N ASP C 164 25.77 -6.25 -18.07
CA ASP C 164 26.52 -6.70 -19.24
C ASP C 164 28.04 -6.62 -19.05
N PRO C 165 28.54 -5.52 -18.50
CA PRO C 165 29.98 -5.36 -18.26
C PRO C 165 30.60 -6.43 -17.34
N ILE C 166 29.76 -7.04 -16.50
CA ILE C 166 30.17 -8.05 -15.56
C ILE C 166 30.15 -9.46 -16.13
N SER C 167 29.13 -9.83 -16.90
CA SER C 167 29.06 -11.21 -17.38
C SER C 167 28.59 -11.27 -18.83
N ALA C 168 29.41 -11.82 -19.70
CA ALA C 168 29.00 -12.02 -21.10
C ALA C 168 27.90 -13.04 -21.29
N PHE C 169 27.41 -13.64 -20.22
CA PHE C 169 26.25 -14.52 -20.35
C PHE C 169 24.95 -13.75 -20.12
N ALA C 170 25.07 -12.56 -19.58
CA ALA C 170 23.90 -11.66 -19.51
C ALA C 170 23.20 -11.44 -20.86
N GLY C 171 21.92 -11.13 -20.76
CA GLY C 171 21.13 -10.61 -21.86
C GLY C 171 21.62 -9.24 -22.34
N ALA C 172 21.26 -8.94 -23.59
CA ALA C 172 21.52 -7.65 -24.16
C ALA C 172 20.82 -6.62 -23.32
N LEU C 173 21.58 -5.68 -22.80
CA LEU C 173 21.01 -4.59 -22.04
C LEU C 173 20.28 -5.03 -20.77
N GLU C 174 20.68 -6.17 -20.17
CA GLU C 174 19.96 -6.69 -19.00
C GLU C 174 20.12 -5.80 -17.75
N MET C 175 19.02 -5.47 -17.13
CA MET C 175 19.06 -4.86 -15.80
C MET C 175 18.49 -5.92 -14.90
N LEU C 176 19.20 -6.20 -13.81
CA LEU C 176 18.74 -7.18 -12.81
C LEU C 176 18.20 -6.46 -11.60
N LEU C 177 17.06 -6.89 -11.10
CA LEU C 177 16.45 -6.33 -9.89
C LEU C 177 16.48 -7.39 -8.81
N PRO C 178 16.53 -6.93 -7.56
CA PRO C 178 16.65 -7.81 -6.41
C PRO C 178 15.56 -8.82 -6.29
N ARG C 179 15.84 -9.98 -5.68
CA ARG C 179 14.82 -10.99 -5.42
C ARG C 179 13.85 -10.50 -4.39
N HIS C 180 12.79 -11.25 -4.20
CA HIS C 180 11.78 -10.89 -3.20
C HIS C 180 11.26 -9.48 -3.35
N SER C 181 11.03 -9.08 -4.60
CA SER C 181 10.46 -7.79 -4.95
C SER C 181 8.97 -7.90 -5.20
N THR C 182 8.34 -6.71 -5.11
CA THR C 182 6.90 -6.58 -5.17
C THR C 182 6.59 -5.54 -6.19
N TYR C 183 5.56 -5.71 -6.97
CA TYR C 183 5.22 -4.64 -7.88
C TYR C 183 3.73 -4.59 -8.07
N HIS C 184 3.20 -3.39 -8.28
CA HIS C 184 1.75 -3.16 -8.47
C HIS C 184 1.39 -3.10 -9.95
N ILE C 185 0.40 -3.89 -10.35
CA ILE C 185 0.01 -3.93 -11.74
C ILE C 185 -1.05 -2.86 -11.98
N ASP C 186 -0.77 -1.94 -12.90
CA ASP C 186 -1.65 -0.81 -13.20
C ASP C 186 -2.55 -1.05 -14.41
N ASP C 187 -2.01 -1.57 -15.52
CA ASP C 187 -2.83 -1.91 -16.69
C ASP C 187 -2.49 -3.26 -17.29
N MET C 188 -3.51 -3.97 -17.76
CA MET C 188 -3.32 -5.15 -18.61
C MET C 188 -4.14 -4.91 -19.86
N ARG C 189 -3.55 -5.02 -21.04
CA ARG C 189 -4.27 -4.80 -22.30
C ARG C 189 -3.77 -5.68 -23.42
N LEU C 190 -4.43 -5.60 -24.57
CA LEU C 190 -4.07 -6.42 -25.70
C LEU C 190 -3.35 -5.52 -26.64
N SER C 191 -2.53 -6.10 -27.50
CA SER C 191 -1.82 -5.30 -28.53
C SER C 191 -2.74 -5.01 -29.74
N SER C 192 -2.27 -4.20 -30.70
CA SER C 192 -2.96 -4.01 -32.00
C SER C 192 -3.65 -5.32 -32.41
N ASP C 193 -2.85 -6.29 -32.86
CA ASP C 193 -3.31 -7.67 -32.95
C ASP C 193 -3.53 -8.21 -31.53
N GLY C 194 -4.43 -9.16 -31.35
CA GLY C 194 -4.62 -9.72 -30.02
C GLY C 194 -3.64 -10.84 -29.77
N LYS C 195 -2.36 -10.62 -30.11
CA LYS C 195 -1.31 -11.65 -29.99
C LYS C 195 -0.45 -11.52 -28.70
N GLN C 196 -0.48 -10.35 -28.08
CA GLN C 196 0.25 -10.12 -26.83
C GLN C 196 -0.59 -9.47 -25.73
N ILE C 197 -0.18 -9.72 -24.48
CA ILE C 197 -0.67 -8.98 -23.33
C ILE C 197 0.39 -7.96 -22.87
N ILE C 198 0.03 -6.67 -22.88
CA ILE C 198 0.86 -5.59 -22.37
C ILE C 198 0.50 -5.26 -20.92
N ILE C 199 1.43 -5.58 -20.02
CA ILE C 199 1.24 -5.33 -18.59
C ILE C 199 2.08 -4.16 -18.24
N THR C 200 1.52 -3.27 -17.45
CA THR C 200 2.26 -2.13 -16.96
C THR C 200 2.24 -2.15 -15.45
N ALA C 201 3.43 -2.25 -14.84
CA ALA C 201 3.59 -2.27 -13.39
C ALA C 201 4.61 -1.28 -12.81
N THR C 202 4.38 -0.91 -11.56
CA THR C 202 5.22 0.00 -10.82
C THR C 202 6.01 -0.87 -9.89
N MET C 203 7.33 -0.83 -9.99
CA MET C 203 8.17 -1.56 -9.06
C MET C 203 8.10 -0.92 -7.69
N MET C 204 8.15 -1.71 -6.62
CA MET C 204 8.21 -1.18 -5.27
C MET C 204 9.23 -1.92 -4.37
N GLY C 205 10.43 -2.17 -4.87
CA GLY C 205 11.47 -2.65 -3.97
C GLY C 205 11.32 -4.03 -3.32
N THR C 206 12.42 -4.42 -2.69
CA THR C 206 12.57 -5.76 -2.17
C THR C 206 12.37 -5.74 -0.68
N ALA C 207 11.96 -6.90 -0.19
CA ALA C 207 11.82 -7.11 1.23
C ALA C 207 13.13 -7.57 1.91
N ILE C 208 14.27 -7.38 1.25
CA ILE C 208 15.55 -7.94 1.72
C ILE C 208 16.60 -6.88 1.61
N ASN C 209 17.09 -6.44 2.76
CA ASN C 209 17.89 -5.25 2.82
C ASN C 209 19.11 -5.50 3.68
N PRO C 210 20.13 -6.12 3.10
CA PRO C 210 21.34 -6.45 3.87
C PRO C 210 22.07 -5.20 4.30
N LYS C 211 22.95 -5.34 5.28
CA LYS C 211 23.57 -4.19 5.90
C LYS C 211 24.88 -3.89 5.20
N ASN D 4 8.11 14.36 25.70
CA ASN D 4 8.31 15.27 24.52
C ASN D 4 8.50 14.44 23.26
N THR D 5 7.64 13.43 23.12
CA THR D 5 7.80 12.46 22.05
C THR D 5 6.93 12.78 20.86
N TYR D 6 7.53 12.74 19.68
CA TYR D 6 6.85 13.10 18.46
C TYR D 6 6.44 11.82 17.73
N GLN D 7 5.14 11.66 17.50
CA GLN D 7 4.60 10.47 16.87
C GLN D 7 5.03 10.39 15.39
N GLU D 8 5.63 9.24 15.04
CA GLU D 8 6.01 8.89 13.68
C GLU D 8 5.26 7.64 13.25
N PHE D 9 4.56 7.73 12.13
CA PHE D 9 3.80 6.61 11.58
C PHE D 9 4.73 5.71 10.80
N THR D 10 4.59 4.39 10.96
CA THR D 10 5.47 3.45 10.27
C THR D 10 4.74 2.49 9.36
N ASN D 11 3.45 2.70 9.19
CA ASN D 11 2.70 1.87 8.28
C ASN D 11 1.51 2.64 7.73
N ILE D 12 1.44 2.74 6.41
CA ILE D 12 0.39 3.48 5.71
C ILE D 12 -0.99 3.32 6.34
N ASP D 13 -1.31 2.13 6.81
CA ASP D 13 -2.67 1.85 7.28
C ASP D 13 -2.96 2.62 8.55
N GLN D 14 -2.12 2.41 9.54
CA GLN D 14 -2.18 3.20 10.76
C GLN D 14 -2.25 4.72 10.42
N ALA D 15 -1.51 5.15 9.40
CA ALA D 15 -1.50 6.56 9.01
C ALA D 15 -2.79 7.08 8.42
N LYS D 16 -3.39 6.36 7.47
CA LYS D 16 -4.57 6.88 6.78
C LYS D 16 -5.69 7.02 7.78
N ALA D 17 -5.71 6.13 8.78
CA ALA D 17 -6.77 6.12 9.78
C ALA D 17 -6.70 7.38 10.58
N TRP D 18 -5.56 7.59 11.22
CA TRP D 18 -5.28 8.79 12.01
C TRP D 18 -5.75 10.06 11.31
N GLY D 19 -5.44 10.16 10.03
CA GLY D 19 -5.79 11.33 9.25
C GLY D 19 -7.26 11.46 8.96
N ASN D 20 -7.91 10.35 8.63
CA ASN D 20 -9.34 10.40 8.41
C ASN D 20 -10.02 10.74 9.72
N ALA D 21 -9.43 10.32 10.83
CA ALA D 21 -9.98 10.62 12.14
C ALA D 21 -9.96 12.13 12.31
N GLN D 22 -8.83 12.71 11.97
CA GLN D 22 -8.62 14.16 12.07
C GLN D 22 -9.51 14.92 11.09
N TYR D 23 -9.72 14.34 9.92
CA TYR D 23 -10.51 14.99 8.89
C TYR D 23 -11.98 15.22 9.30
N LYS D 24 -12.58 14.18 9.91
CA LYS D 24 -13.96 14.22 10.45
C LYS D 24 -14.24 15.43 11.33
N LYS D 25 -13.23 15.91 12.04
CA LYS D 25 -13.42 17.00 12.99
C LYS D 25 -13.24 18.41 12.39
N TYR D 26 -13.04 18.55 11.08
CA TYR D 26 -12.71 19.85 10.49
C TYR D 26 -13.92 20.74 10.25
N GLY D 27 -14.88 20.24 9.48
CA GLY D 27 -16.04 21.03 9.12
C GLY D 27 -15.61 22.29 8.38
N LEU D 28 -15.13 22.10 7.18
CA LEU D 28 -14.67 23.21 6.38
C LEU D 28 -15.83 23.59 5.53
N SER D 29 -15.93 24.86 5.18
CA SER D 29 -16.94 25.32 4.24
C SER D 29 -16.70 24.77 2.84
N LYS D 30 -17.67 25.01 1.96
CA LYS D 30 -17.56 24.64 0.56
C LYS D 30 -16.46 25.42 -0.11
N SER D 31 -16.35 26.69 0.27
CA SER D 31 -15.33 27.58 -0.29
C SER D 31 -13.91 27.24 0.13
N GLU D 32 -13.74 26.86 1.40
CA GLU D 32 -12.45 26.47 1.94
C GLU D 32 -11.96 25.22 1.20
N LYS D 33 -12.80 24.20 1.08
CA LYS D 33 -12.44 23.02 0.33
C LYS D 33 -12.09 23.34 -1.15
N GLU D 34 -12.86 24.21 -1.78
CA GLU D 34 -12.58 24.59 -3.15
C GLU D 34 -11.22 25.30 -3.21
N ALA D 35 -10.88 26.02 -2.16
CA ALA D 35 -9.61 26.73 -2.13
C ALA D 35 -8.48 25.72 -1.97
N ILE D 36 -8.71 24.69 -1.17
CA ILE D 36 -7.69 23.72 -0.88
C ILE D 36 -7.44 22.91 -2.12
N VAL D 37 -8.52 22.50 -2.76
CA VAL D 37 -8.46 21.79 -4.02
C VAL D 37 -7.61 22.62 -4.99
N SER D 38 -7.99 23.87 -5.11
CA SER D 38 -7.36 24.76 -6.04
C SER D 38 -5.87 24.81 -5.80
N TYR D 39 -5.47 24.73 -4.53
CA TYR D 39 -4.05 24.79 -4.15
C TYR D 39 -3.30 23.57 -4.63
N THR D 40 -3.96 22.42 -4.56
CA THR D 40 -3.36 21.14 -4.96
C THR D 40 -3.15 21.00 -6.47
N LYS D 41 -3.83 21.86 -7.25
CA LYS D 41 -3.68 21.91 -8.70
C LYS D 41 -2.50 22.77 -9.13
N SER D 42 -2.15 23.76 -8.29
CA SER D 42 -1.10 24.70 -8.65
C SER D 42 -0.28 25.20 -7.45
N ALA D 43 0.08 24.30 -6.54
CA ALA D 43 0.90 24.66 -5.38
C ALA D 43 2.15 25.47 -5.79
N SER D 44 2.84 25.02 -6.85
CA SER D 44 4.08 25.64 -7.37
C SER D 44 3.93 27.09 -7.82
N GLU D 45 2.96 27.34 -8.69
CA GLU D 45 2.67 28.69 -9.14
C GLU D 45 2.36 29.63 -7.95
N ILE D 46 1.59 29.15 -6.98
CA ILE D 46 1.11 29.96 -5.86
C ILE D 46 2.20 30.17 -4.82
N ASN D 47 3.05 29.18 -4.65
CA ASN D 47 4.11 29.28 -3.66
C ASN D 47 5.17 30.20 -4.14
N GLY D 48 5.47 30.10 -5.44
CA GLY D 48 6.45 30.94 -6.09
C GLY D 48 6.06 32.39 -5.97
N LYS D 49 4.76 32.65 -6.07
CA LYS D 49 4.23 34.01 -6.08
C LYS D 49 4.37 34.64 -4.70
N LEU D 50 4.11 33.86 -3.64
CA LEU D 50 4.35 34.30 -2.26
C LEU D 50 5.83 34.62 -1.96
N ARG D 51 6.74 33.71 -2.31
CA ARG D 51 8.17 33.97 -2.17
C ARG D 51 8.54 35.31 -2.85
N GLN D 52 8.25 35.36 -4.14
CA GLN D 52 8.54 36.51 -4.99
C GLN D 52 8.06 37.84 -4.40
N ASN D 53 6.88 37.88 -3.77
CA ASN D 53 6.38 39.13 -3.19
C ASN D 53 6.46 39.17 -1.68
N LYS D 54 7.33 38.35 -1.10
CA LYS D 54 7.64 38.34 0.34
C LYS D 54 6.36 38.24 1.16
N GLY D 55 5.44 37.42 0.70
CA GLY D 55 4.25 37.14 1.46
C GLY D 55 3.22 38.25 1.52
N VAL D 56 3.42 39.34 0.78
CA VAL D 56 2.41 40.40 0.62
C VAL D 56 1.59 40.02 -0.59
N ILE D 57 0.26 40.01 -0.44
CA ILE D 57 -0.66 39.55 -1.48
C ILE D 57 -1.51 40.67 -2.10
N ASN D 58 -1.31 41.90 -1.65
CA ASN D 58 -2.04 43.06 -2.17
C ASN D 58 -2.13 43.10 -3.72
N GLY D 59 -1.00 42.85 -4.41
CA GLY D 59 -0.89 43.02 -5.86
C GLY D 59 -1.08 41.76 -6.67
N PHE D 60 -2.06 40.97 -6.25
CA PHE D 60 -2.41 39.68 -6.85
C PHE D 60 -3.80 39.79 -7.48
N PRO D 61 -4.14 38.93 -8.44
CA PRO D 61 -5.53 38.83 -8.94
C PRO D 61 -6.56 38.70 -7.82
N SER D 62 -7.75 39.29 -7.98
CA SER D 62 -8.86 39.10 -7.02
C SER D 62 -9.06 37.61 -6.73
N ASN D 63 -9.10 36.80 -7.79
CA ASN D 63 -9.24 35.33 -7.70
C ASN D 63 -8.37 34.71 -6.61
N LEU D 64 -7.09 35.08 -6.64
CA LEU D 64 -6.05 34.52 -5.78
C LEU D 64 -6.17 35.01 -4.35
N ILE D 65 -6.06 36.31 -4.17
CA ILE D 65 -6.32 36.94 -2.87
C ILE D 65 -7.35 36.14 -2.06
N LYS D 66 -8.52 35.95 -2.65
CA LYS D 66 -9.69 35.35 -1.99
C LYS D 66 -9.31 33.95 -1.54
N GLN D 67 -8.79 33.20 -2.50
CA GLN D 67 -8.32 31.83 -2.32
C GLN D 67 -7.35 31.69 -1.14
N VAL D 68 -6.29 32.49 -1.15
CA VAL D 68 -5.32 32.54 -0.06
C VAL D 68 -5.93 32.87 1.28
N GLU D 69 -6.85 33.83 1.31
CA GLU D 69 -7.50 34.23 2.55
C GLU D 69 -8.36 33.09 3.09
N LEU D 70 -8.89 32.30 2.17
CA LEU D 70 -9.66 31.11 2.54
C LEU D 70 -8.73 30.05 3.09
N LEU D 71 -7.52 29.96 2.52
CA LEU D 71 -6.56 28.94 2.93
C LEU D 71 -6.06 29.21 4.31
N ASP D 72 -5.69 30.47 4.58
CA ASP D 72 -5.21 30.90 5.91
C ASP D 72 -6.27 30.69 6.96
N LYS D 73 -7.53 30.86 6.56
CA LYS D 73 -8.62 30.73 7.51
C LYS D 73 -8.91 29.27 7.83
N SER D 74 -8.90 28.42 6.81
CA SER D 74 -9.23 27.03 7.00
C SER D 74 -8.29 26.42 8.02
N PHE D 75 -7.14 27.06 8.27
CA PHE D 75 -6.24 26.52 9.28
C PHE D 75 -6.75 26.62 10.73
N ASN D 76 -7.62 27.60 10.98
CA ASN D 76 -8.24 27.74 12.29
C ASN D 76 -9.06 26.53 12.69
N LYS D 77 -9.53 25.79 11.70
CA LYS D 77 -10.22 24.53 11.94
C LYS D 77 -9.35 23.29 11.86
N MET D 78 -8.10 23.40 11.41
CA MET D 78 -7.25 22.20 11.22
C MET D 78 -6.00 22.28 12.07
N LYS D 79 -6.06 21.68 13.25
CA LYS D 79 -4.96 21.69 14.17
C LYS D 79 -4.59 20.24 14.40
N THR D 80 -3.41 19.97 14.91
CA THR D 80 -3.02 18.59 15.13
C THR D 80 -3.25 18.26 16.61
N PRO D 81 -3.70 17.03 16.92
CA PRO D 81 -4.11 16.66 18.27
C PRO D 81 -2.97 16.13 19.11
N GLU D 82 -1.78 15.99 18.52
CA GLU D 82 -0.61 15.49 19.25
C GLU D 82 0.67 15.83 18.53
N ASN D 83 1.79 15.70 19.24
CA ASN D 83 3.12 15.90 18.69
C ASN D 83 3.31 14.92 17.56
N ILE D 84 3.48 15.39 16.32
CA ILE D 84 3.77 14.53 15.18
C ILE D 84 5.06 14.86 14.49
N MET D 85 5.47 13.92 13.67
CA MET D 85 6.59 14.11 12.80
C MET D 85 6.07 14.11 11.36
N LEU D 86 6.48 15.11 10.59
CA LEU D 86 6.16 15.16 9.19
C LEU D 86 7.40 15.05 8.33
N PHE D 87 7.20 14.62 7.11
CA PHE D 87 8.32 14.38 6.22
C PHE D 87 8.22 15.23 4.98
N ARG D 88 9.36 15.51 4.40
CA ARG D 88 9.40 16.27 3.17
C ARG D 88 10.71 16.03 2.51
N GLY D 89 10.72 15.96 1.17
CA GLY D 89 11.96 15.79 0.37
C GLY D 89 12.20 16.96 -0.55
N ASP D 90 13.44 17.38 -0.74
CA ASP D 90 13.72 18.54 -1.56
C ASP D 90 14.93 18.26 -2.47
N ASP D 91 14.98 18.91 -3.64
CA ASP D 91 16.14 18.87 -4.52
C ASP D 91 17.12 19.92 -4.03
N PRO D 92 18.32 19.99 -4.62
CA PRO D 92 19.33 20.94 -4.18
C PRO D 92 18.94 22.41 -4.13
N ALA D 93 18.16 22.88 -5.07
CA ALA D 93 17.90 24.32 -5.12
C ALA D 93 17.28 24.78 -3.80
N TYR D 94 16.75 23.83 -3.04
CA TYR D 94 16.14 24.21 -1.81
C TYR D 94 17.12 24.93 -0.88
N LEU D 95 18.42 24.65 -1.02
CA LEU D 95 19.44 25.23 -0.15
C LEU D 95 19.96 26.55 -0.70
N GLY D 96 19.45 26.96 -1.85
CA GLY D 96 19.83 28.20 -2.46
C GLY D 96 20.42 27.96 -3.84
N THR D 97 20.46 28.98 -4.69
CA THR D 97 20.91 28.77 -6.08
C THR D 97 22.39 28.28 -6.15
N GLU D 98 23.20 28.70 -5.16
CA GLU D 98 24.61 28.31 -5.06
C GLU D 98 24.80 26.82 -4.79
N PHE D 99 23.72 26.13 -4.46
CA PHE D 99 23.76 24.68 -4.26
C PHE D 99 23.14 23.87 -5.42
N GLN D 100 22.39 24.52 -6.29
CA GLN D 100 21.76 23.81 -7.43
C GLN D 100 22.69 22.81 -8.09
N ASN D 101 23.76 23.26 -8.71
CA ASN D 101 24.60 22.34 -9.49
C ASN D 101 25.84 21.97 -8.76
N THR D 102 25.84 22.10 -7.44
CA THR D 102 27.04 21.74 -6.69
C THR D 102 26.85 20.66 -5.67
N LEU D 103 25.63 20.29 -5.33
CA LEU D 103 25.38 19.46 -4.16
C LEU D 103 25.80 18.02 -4.31
N LEU D 104 25.69 17.52 -5.53
CA LEU D 104 25.94 16.10 -5.80
C LEU D 104 27.26 15.89 -6.53
N ASN D 105 27.88 14.73 -6.30
CA ASN D 105 28.95 14.27 -7.19
C ASN D 105 28.34 13.64 -8.44
N SER D 106 29.19 13.30 -9.40
CA SER D 106 28.76 12.54 -10.59
C SER D 106 28.12 11.19 -10.19
N ASN D 107 28.69 10.49 -9.19
CA ASN D 107 28.16 9.21 -8.73
C ASN D 107 26.83 9.28 -7.92
N GLY D 108 26.44 10.48 -7.49
CA GLY D 108 25.18 10.67 -6.79
C GLY D 108 25.31 10.74 -5.26
N THR D 109 26.55 10.71 -4.79
CA THR D 109 26.89 11.01 -3.40
C THR D 109 26.88 12.51 -3.17
N ILE D 110 26.35 12.91 -2.03
CA ILE D 110 26.45 14.29 -1.62
C ILE D 110 27.93 14.69 -1.56
N ASN D 111 28.26 15.76 -2.25
CA ASN D 111 29.58 16.35 -2.09
C ASN D 111 29.87 16.81 -0.66
N LYS D 112 30.99 16.37 -0.15
CA LYS D 112 31.36 16.59 1.23
C LYS D 112 31.52 18.10 1.58
N THR D 113 32.17 18.84 0.69
CA THR D 113 32.39 20.27 0.86
C THR D 113 31.09 21.08 0.81
N ALA D 114 30.27 20.77 -0.18
CA ALA D 114 29.00 21.44 -0.33
C ALA D 114 28.15 21.16 0.91
N PHE D 115 28.25 19.96 1.44
CA PHE D 115 27.51 19.63 2.64
C PHE D 115 27.96 20.53 3.80
N GLU D 116 29.26 20.77 3.90
CA GLU D 116 29.77 21.64 4.93
C GLU D 116 29.21 23.06 4.79
N LYS D 117 29.23 23.58 3.58
CA LYS D 117 28.82 24.96 3.41
C LYS D 117 27.31 25.09 3.68
N ALA D 118 26.61 23.98 3.50
CA ALA D 118 25.17 23.92 3.64
C ALA D 118 24.84 23.82 5.12
N LYS D 119 25.76 23.28 5.91
CA LYS D 119 25.59 23.25 7.34
C LYS D 119 25.82 24.64 7.85
N ALA D 120 26.81 25.30 7.28
CA ALA D 120 27.21 26.62 7.80
C ALA D 120 26.03 27.54 7.68
N LYS D 121 25.43 27.54 6.52
CA LYS D 121 24.35 28.44 6.17
C LYS D 121 23.05 28.23 6.93
N PHE D 122 22.70 26.98 7.24
CA PHE D 122 21.38 26.68 7.80
C PHE D 122 21.36 26.05 9.18
N LEU D 123 22.42 25.32 9.54
CA LEU D 123 22.39 24.61 10.83
C LEU D 123 22.12 25.55 12.02
N ASN D 124 21.18 25.19 12.85
CA ASN D 124 20.87 25.96 14.03
C ASN D 124 20.44 27.38 13.77
N LYS D 125 19.68 27.55 12.71
CA LYS D 125 19.13 28.85 12.35
C LYS D 125 17.68 28.68 12.07
N ASP D 126 17.00 29.80 11.96
CA ASP D 126 15.62 29.76 11.62
C ASP D 126 15.55 29.94 10.14
N ARG D 127 14.44 29.46 9.59
CA ARG D 127 14.18 29.55 8.20
C ARG D 127 12.74 29.92 8.00
N LEU D 128 12.50 30.99 7.28
CA LEU D 128 11.15 31.42 7.03
C LEU D 128 10.68 30.96 5.63
N GLU D 129 9.50 30.40 5.54
CA GLU D 129 8.95 29.99 4.25
C GLU D 129 7.68 30.79 3.91
N TYR D 130 7.78 31.58 2.86
CA TYR D 130 6.64 32.42 2.44
C TYR D 130 5.47 31.58 1.85
N GLY D 131 5.80 30.50 1.14
CA GLY D 131 4.78 29.59 0.64
C GLY D 131 4.10 28.72 1.72
N TYR D 132 3.12 27.95 1.31
CA TYR D 132 2.62 26.89 2.14
C TYR D 132 3.61 25.75 2.07
N ILE D 133 3.58 24.88 3.08
CA ILE D 133 4.53 23.79 3.11
C ILE D 133 3.81 22.47 2.98
N SER D 134 3.96 21.83 1.81
CA SER D 134 3.44 20.50 1.56
C SER D 134 4.34 19.40 2.16
N THR D 135 3.88 18.68 3.19
CA THR D 135 4.62 17.58 3.80
C THR D 135 3.76 16.35 3.79
N SER D 136 4.33 15.20 4.18
CA SER D 136 3.63 13.92 4.24
C SER D 136 3.88 13.22 5.58
N LEU D 137 3.00 12.30 5.96
CA LEU D 137 3.12 11.62 7.25
C LEU D 137 4.18 10.54 7.28
N MET D 138 4.60 10.14 6.09
CA MET D 138 5.66 9.17 5.95
C MET D 138 6.57 9.60 4.84
N ASN D 139 7.79 9.08 4.87
CA ASN D 139 8.71 9.26 3.78
C ASN D 139 8.29 8.39 2.59
N VAL D 140 7.32 8.89 1.85
CA VAL D 140 6.70 8.20 0.73
C VAL D 140 7.64 8.08 -0.49
N SER D 141 7.14 7.50 -1.57
CA SER D 141 7.91 7.36 -2.83
C SER D 141 7.97 8.67 -3.61
N GLN D 142 6.87 9.41 -3.67
CA GLN D 142 6.87 10.74 -4.25
C GLN D 142 8.24 11.39 -4.02
N PHE D 143 8.79 11.29 -2.81
CA PHE D 143 10.03 12.01 -2.51
C PHE D 143 11.17 11.32 -1.76
N ALA D 144 11.01 10.05 -1.40
CA ALA D 144 12.09 9.36 -0.69
C ALA D 144 13.36 9.28 -1.54
N GLY D 145 13.24 9.45 -2.87
CA GLY D 145 14.39 9.47 -3.77
C GLY D 145 15.09 10.82 -3.97
N ARG D 146 14.73 11.85 -3.20
CA ARG D 146 15.39 13.13 -3.34
C ARG D 146 16.62 13.20 -2.41
N PRO D 147 17.55 14.11 -2.72
CA PRO D 147 18.77 14.26 -1.94
C PRO D 147 18.61 14.87 -0.56
N ILE D 148 17.48 15.52 -0.31
CA ILE D 148 17.27 16.13 0.98
C ILE D 148 15.93 15.66 1.53
N ILE D 149 15.95 15.14 2.75
CA ILE D 149 14.75 14.72 3.44
C ILE D 149 14.73 15.55 4.68
N THR D 150 13.63 16.21 4.93
CA THR D 150 13.45 16.95 6.13
C THR D 150 12.46 16.18 7.00
N LYS D 151 12.79 15.98 8.27
CA LYS D 151 11.84 15.52 9.27
C LYS D 151 11.43 16.70 10.10
N PHE D 152 10.17 17.10 10.07
CA PHE D 152 9.71 18.22 10.90
C PHE D 152 9.06 17.73 12.19
N LYS D 153 9.44 18.35 13.31
CA LYS D 153 8.70 18.20 14.57
C LYS D 153 7.62 19.28 14.64
N VAL D 154 6.37 18.88 14.52
CA VAL D 154 5.23 19.75 14.71
C VAL D 154 4.52 19.47 16.05
N ALA D 155 4.39 20.49 16.90
CA ALA D 155 3.87 20.35 18.27
C ALA D 155 2.34 20.31 18.32
N LYS D 156 1.79 19.65 19.36
CA LYS D 156 0.35 19.61 19.60
C LYS D 156 -0.29 21.00 19.49
N GLY D 157 -1.37 21.10 18.71
CA GLY D 157 -2.08 22.35 18.51
C GLY D 157 -1.61 23.25 17.37
N SER D 158 -0.55 22.86 16.66
CA SER D 158 -0.07 23.63 15.54
C SER D 158 -1.01 23.49 14.37
N LYS D 159 -1.12 24.54 13.59
CA LYS D 159 -1.90 24.48 12.36
C LYS D 159 -1.27 23.45 11.43
N ALA D 160 -2.09 22.48 10.98
CA ALA D 160 -1.66 21.38 10.11
C ALA D 160 -2.84 20.51 9.66
N GLY D 161 -3.08 20.46 8.36
CA GLY D 161 -4.29 19.82 7.83
C GLY D 161 -4.02 18.61 6.94
N TYR D 162 -4.53 17.43 7.31
CA TYR D 162 -4.53 16.24 6.45
C TYR D 162 -5.48 16.48 5.28
N ILE D 163 -4.99 16.60 4.07
CA ILE D 163 -5.95 16.93 3.01
C ILE D 163 -6.32 15.87 1.96
N ASP D 164 -5.75 14.66 1.98
CA ASP D 164 -6.21 13.63 0.99
C ASP D 164 -7.75 13.59 0.82
N PRO D 165 -8.53 13.56 1.91
CA PRO D 165 -10.00 13.53 1.81
C PRO D 165 -10.66 14.79 1.21
N ILE D 166 -9.88 15.83 0.91
CA ILE D 166 -10.42 17.03 0.30
C ILE D 166 -10.17 17.00 -1.20
N SER D 167 -9.00 16.50 -1.61
CA SER D 167 -8.63 16.38 -3.03
C SER D 167 -7.75 15.17 -3.38
N ALA D 168 -8.10 14.50 -4.48
CA ALA D 168 -7.34 13.37 -5.00
C ALA D 168 -6.06 13.83 -5.69
N PHE D 169 -5.99 15.13 -6.00
CA PHE D 169 -4.73 15.77 -6.43
C PHE D 169 -3.69 15.92 -5.32
N ALA D 170 -4.05 15.65 -4.08
CA ALA D 170 -3.05 15.71 -3.02
C ALA D 170 -2.21 14.48 -3.14
N GLY D 171 -1.05 14.52 -2.50
CA GLY D 171 -0.16 13.40 -2.41
C GLY D 171 -0.45 12.46 -1.27
N ALA D 172 0.24 11.34 -1.29
CA ALA D 172 0.02 10.31 -0.31
C ALA D 172 0.26 10.85 1.09
N LEU D 173 -0.78 10.74 1.90
CA LEU D 173 -0.68 11.11 3.30
C LEU D 173 -0.23 12.54 3.50
N GLU D 174 -0.66 13.44 2.64
CA GLU D 174 -0.22 14.82 2.72
C GLU D 174 -0.82 15.57 3.87
N MET D 175 0.03 16.31 4.55
CA MET D 175 -0.33 17.27 5.59
C MET D 175 0.12 18.67 5.17
N LEU D 176 -0.75 19.64 5.22
CA LEU D 176 -0.40 20.96 4.71
C LEU D 176 -0.19 21.86 5.91
N LEU D 177 0.90 22.63 5.86
CA LEU D 177 1.18 23.61 6.90
C LEU D 177 0.95 25.04 6.37
N PRO D 178 0.56 25.98 7.23
CA PRO D 178 0.26 27.35 6.75
C PRO D 178 1.47 28.04 6.15
N ARG D 179 1.20 29.02 5.29
CA ARG D 179 2.28 29.88 4.80
C ARG D 179 2.83 30.75 5.92
N HIS D 180 4.02 31.29 5.67
CA HIS D 180 4.69 32.19 6.59
C HIS D 180 5.10 31.53 7.87
N SER D 181 5.22 30.21 7.79
CA SER D 181 5.67 29.39 8.89
C SER D 181 7.16 29.54 9.04
N THR D 182 7.63 29.51 10.27
CA THR D 182 9.07 29.59 10.55
C THR D 182 9.48 28.29 11.27
N TYR D 183 10.64 27.77 10.92
CA TYR D 183 11.10 26.55 11.55
C TYR D 183 12.54 26.58 11.79
N HIS D 184 13.00 25.81 12.78
CA HIS D 184 14.37 25.87 13.26
C HIS D 184 15.08 24.56 12.87
N ILE D 185 16.29 24.65 12.32
CA ILE D 185 16.97 23.46 11.88
C ILE D 185 17.80 22.97 13.08
N ASP D 186 17.45 21.80 13.63
CA ASP D 186 18.14 21.26 14.79
C ASP D 186 19.37 20.48 14.40
N ASP D 187 19.37 19.83 13.26
CA ASP D 187 20.41 18.85 12.98
C ASP D 187 20.45 18.48 11.50
N MET D 188 21.65 18.28 11.01
CA MET D 188 21.87 17.93 9.61
C MET D 188 22.96 16.83 9.56
N ARG D 189 22.63 15.73 8.90
CA ARG D 189 23.61 14.65 8.71
C ARG D 189 23.40 13.93 7.40
N LEU D 190 24.41 13.21 6.94
CA LEU D 190 24.31 12.36 5.74
C LEU D 190 23.72 11.02 6.09
N SER D 191 23.21 10.33 5.08
CA SER D 191 22.57 9.07 5.30
C SER D 191 23.56 7.89 5.37
N SER D 192 23.03 6.73 5.72
CA SER D 192 23.79 5.49 5.78
C SER D 192 24.76 5.45 4.59
N ASP D 193 24.22 5.42 3.37
CA ASP D 193 25.03 5.72 2.18
C ASP D 193 25.17 7.23 2.09
N GLY D 194 26.17 7.78 1.44
CA GLY D 194 26.27 9.23 1.45
C GLY D 194 25.44 9.90 0.37
N LYS D 195 24.21 9.47 0.13
CA LYS D 195 23.40 9.95 -1.00
C LYS D 195 22.21 10.83 -0.62
N GLN D 196 22.07 11.14 0.67
CA GLN D 196 20.99 11.99 1.16
C GLN D 196 21.45 12.72 2.35
N ILE D 197 20.86 13.89 2.55
CA ILE D 197 21.09 14.69 3.73
C ILE D 197 19.83 14.63 4.49
N ILE D 198 19.92 14.39 5.79
CA ILE D 198 18.72 14.31 6.62
C ILE D 198 18.72 15.48 7.51
N ILE D 199 17.62 16.22 7.46
CA ILE D 199 17.50 17.48 8.22
C ILE D 199 16.41 17.30 9.19
N THR D 200 16.69 17.56 10.47
CA THR D 200 15.65 17.61 11.49
C THR D 200 15.31 19.07 11.80
N ALA D 201 14.03 19.39 11.94
CA ALA D 201 13.62 20.77 12.22
C ALA D 201 12.39 20.92 13.08
N THR D 202 12.45 21.81 14.06
CA THR D 202 11.27 22.12 14.88
C THR D 202 10.43 23.27 14.30
N MET D 203 9.14 23.02 14.10
CA MET D 203 8.22 24.00 13.54
C MET D 203 7.70 24.93 14.59
N MET D 204 7.55 26.20 14.26
CA MET D 204 7.26 27.26 15.25
C MET D 204 5.89 27.91 15.10
N GLY D 205 5.49 28.25 13.86
CA GLY D 205 4.19 28.84 13.61
C GLY D 205 4.19 30.05 12.67
N THR D 206 3.04 30.72 12.61
CA THR D 206 2.74 31.75 11.61
C THR D 206 3.57 33.03 11.76
N ALA D 207 3.89 33.43 12.88
PA NAD E . 10.62 -17.37 12.28
O1A NAD E . 10.25 -16.81 13.63
O2A NAD E . 11.55 -18.58 12.49
O5B NAD E . 9.28 -17.65 11.36
C5B NAD E . 9.42 -17.95 9.98
C4B NAD E . 8.06 -18.32 9.37
O4B NAD E . 7.40 -19.33 10.12
C3B NAD E . 7.13 -17.14 9.33
O3B NAD E . 6.23 -17.34 8.24
C2B NAD E . 6.38 -17.20 10.64
O2B NAD E . 5.20 -16.43 10.58
C1B NAD E . 6.27 -18.75 10.77
N9A NAD E . 6.19 -19.28 12.15
C8A NAD E . 6.57 -18.64 13.32
N7A NAD E . 6.33 -19.47 14.36
C5A NAD E . 5.79 -20.63 13.87
C6A NAD E . 5.34 -21.79 14.52
N6A NAD E . 5.43 -21.87 15.87
N1A NAD E . 4.82 -22.82 13.74
C2A NAD E . 4.75 -22.69 12.36
N3A NAD E . 5.18 -21.55 11.74
C4A NAD E . 5.69 -20.52 12.48
O3 NAD E . 11.40 -16.30 11.32
PN NAD E . 10.81 -14.80 11.01
O1N NAD E . 10.57 -14.05 12.29
O2N NAD E . 9.81 -14.76 9.92
O5D NAD E . 12.07 -14.10 10.27
C5D NAD E . 13.22 -13.73 11.00
C4D NAD E . 14.11 -12.84 10.13
O4D NAD E . 13.57 -11.53 10.18
C3D NAD E . 15.44 -12.79 10.83
O3D NAD E . 16.38 -12.18 9.96
C2D NAD E . 15.11 -11.83 11.97
O2D NAD E . 16.18 -11.00 12.29
C1D NAD E . 14.08 -10.88 11.37
N1N NAD E . 13.02 -10.20 12.18
C2N NAD E . 11.70 -10.57 12.10
C3N NAD E . 10.75 -9.86 12.84
C7N NAD E . 9.33 -10.25 12.77
O7N NAD E . 8.39 -9.45 13.46
N7N NAD E . 8.94 -11.31 12.06
C4N NAD E . 11.12 -8.77 13.62
C5N NAD E . 12.43 -8.38 13.66
C6N NAD E . 13.38 -9.11 12.95
PA NAD F . -28.70 7.57 -3.57
O1A NAD F . -28.16 6.22 -3.94
O2A NAD F . -28.89 7.58 -2.04
O5B NAD F . -27.81 8.72 -4.29
C5B NAD F . -27.87 10.08 -3.99
C4B NAD F . -26.47 10.67 -4.14
O4B NAD F . -25.56 10.01 -3.27
C3B NAD F . -25.98 10.51 -5.59
O3B NAD F . -25.23 11.64 -5.99
C2B NAD F . -25.04 9.33 -5.50
O2B NAD F . -24.13 9.31 -6.61
C1B NAD F . -24.47 9.51 -4.07
N9A NAD F . -23.87 8.27 -3.50
C8A NAD F . -24.18 6.96 -3.83
N7A NAD F . -23.42 6.09 -3.11
C5A NAD F . -22.60 6.85 -2.32
C6A NAD F . -21.61 6.46 -1.43
N6A NAD F . -21.40 5.16 -1.23
N1A NAD F . -20.90 7.41 -0.74
C2A NAD F . -21.17 8.74 -0.99
N3A NAD F . -22.15 9.14 -1.89
C4A NAD F . -22.87 8.19 -2.54
O3 NAD F . -30.12 7.87 -4.28
PN NAD F . -30.31 7.71 -5.90
O1N NAD F . -29.81 6.35 -6.29
O2N NAD F . -29.81 8.94 -6.60
O5D NAD F . -31.91 7.73 -5.90
C5D NAD F . -32.58 8.91 -5.48
C4D NAD F . -33.76 9.17 -6.41
O4D NAD F . -33.41 8.65 -7.68
C3D NAD F . -35.06 8.46 -6.01
O3D NAD F . -36.13 9.38 -6.22
C2D NAD F . -35.16 7.21 -6.88
O2D NAD F . -36.34 7.22 -7.67
C1D NAD F . -33.98 7.35 -7.80
N1N NAD F . -33.35 6.45 -8.78
C2N NAD F . -32.01 6.65 -9.04
C3N NAD F . -31.30 5.89 -9.96
C7N NAD F . -29.86 6.16 -10.17
O7N NAD F . -29.16 5.46 -11.13
N7N NAD F . -29.22 7.07 -9.45
C4N NAD F . -31.94 4.87 -10.67
C5N NAD F . -33.31 4.66 -10.43
C6N NAD F . -33.99 5.46 -9.48
PA NAD G . 12.85 -16.64 -15.17
O1A NAD G . 12.51 -15.18 -14.96
O2A NAD G . 13.47 -17.39 -13.94
O5B NAD G . 11.54 -17.31 -15.79
C5B NAD G . 11.70 -18.54 -16.46
C4B NAD G . 10.35 -18.93 -17.02
O4B NAD G . 9.50 -18.87 -15.89
C3B NAD G . 9.88 -17.90 -18.05
O3B NAD G . 9.08 -18.49 -19.08
C2B NAD G . 8.96 -17.02 -17.24
O2B NAD G . 7.92 -16.55 -18.06
C1B NAD G . 8.49 -17.90 -16.09
N9A NAD G . 8.20 -17.20 -14.82
C8A NAD G . 8.62 -15.94 -14.40
N7A NAD G . 8.06 -15.68 -13.18
C5A NAD G . 7.29 -16.76 -12.83
C6A NAD G . 6.55 -17.02 -11.69
N6A NAD G . 6.51 -16.10 -10.75
N1A NAD G . 5.88 -18.23 -11.56
C2A NAD G . 5.94 -19.16 -12.58
N3A NAD G . 6.69 -18.92 -13.73
C4A NAD G . 7.37 -17.72 -13.84
O3 NAD G . 13.87 -16.82 -16.40
PN NAD G . 13.83 -15.87 -17.71
O1N NAD G . 13.81 -14.44 -17.21
O2N NAD G . 12.89 -16.49 -18.72
O5D NAD G . 15.26 -16.14 -18.46
C5D NAD G . 16.44 -15.63 -17.87
C4D NAD G . 17.56 -15.75 -18.91
O4D NAD G . 17.42 -14.75 -19.91
C3D NAD G . 18.91 -15.46 -18.28
O3D NAD G . 19.93 -15.90 -19.20
C2D NAD G . 18.84 -13.93 -18.16
O2D NAD G . 20.14 -13.32 -18.18
C1D NAD G . 18.10 -13.57 -19.46
N1N NAD G . 17.21 -12.39 -19.57
C2N NAD G . 15.83 -12.49 -19.71
C3N NAD G . 15.06 -11.32 -19.90
C7N NAD G . 13.57 -11.41 -20.04
O7N NAD G . 12.86 -10.25 -20.31
N7N NAD G . 12.93 -12.58 -19.95
C4N NAD G . 15.67 -10.07 -19.94
C5N NAD G . 17.05 -9.99 -19.80
C6N NAD G . 17.80 -11.16 -19.63
PB ADP H . 7.05 20.03 -4.65
O1B ADP H . 8.43 19.59 -5.22
O2B ADP H . 6.90 19.59 -3.19
O3B ADP H . 6.03 19.24 -5.39
PA ADP H . 7.34 22.94 -3.94
O1A ADP H . 7.27 22.67 -2.47
O2A ADP H . 6.61 24.30 -4.24
O3A ADP H . 6.77 21.64 -4.80
O5' ADP H . 8.86 23.05 -4.47
C5' ADP H . 9.14 23.37 -5.83
C4' ADP H . 10.66 23.28 -6.13
O4' ADP H . 11.46 24.31 -5.55
C3' ADP H . 11.30 21.97 -5.67
O3' ADP H . 12.20 21.52 -6.67
C2' ADP H . 11.93 22.34 -4.32
O2' ADP H . 13.01 21.47 -3.96
C1' ADP H . 12.31 23.82 -4.50
N9 ADP H . 12.14 24.71 -3.32
C8 ADP H . 11.33 24.53 -2.22
N7 ADP H . 11.45 25.60 -1.39
C5 ADP H . 12.33 26.48 -1.93
C6 ADP H . 12.82 27.72 -1.50
N6 ADP H . 12.40 28.25 -0.35
N1 ADP H . 13.73 28.39 -2.31
C2 ADP H . 14.15 27.83 -3.51
N3 ADP H . 13.67 26.59 -3.95
C4 ADP H . 12.77 25.92 -3.16
#